data_5BSW
#
_entry.id   5BSW
#
_cell.length_a   93.276
_cell.length_b   97.186
_cell.length_c   124.793
_cell.angle_alpha   90.000
_cell.angle_beta   90.000
_cell.angle_gamma   90.000
#
_symmetry.space_group_name_H-M   'P 21 21 21'
#
loop_
_entity.id
_entity.type
_entity.pdbx_description
1 polymer '4-coumarate--CoA ligase 2'
2 non-polymer "5'-O-[(R)-hydroxy{[(2E)-3-(5-methoxy-4-oxocyclohexa-1,5-dien-1-yl)prop-2-enoyl]oxy}phosphoryl]adenosine"
3 water water
#
_entity_poly.entity_id   1
_entity_poly.type   'polypeptide(L)'
_entity_poly.pdbx_seq_one_letter_code
;MEKDTKQVDIIFRSKLPDIYIPNHLPLHSYCFENISEFSSRPCLINGANKQIYTYADVELNSRKVAAGLHKQGIQPKDTI
MILLPNSPEFVFAFIGASYLGAISTMANPLFTPAEVVKQAKASSAKIIVTQACHVNKVKDYAFENDVKIICIDSAPEGCL
HFSVLTQANEHDIPEVEIQPDDVVALPYSSGTTGLPKGVMLTHKGLVTSVAQQVDGENPNLYIHSEDVMLCVLPLFHIYS
LNSVLLCGLRVGAAILIMQKFDIVSFLELIQRYKVTIGPFVPPIVLAIAKSPMVDDYDLSSVRTVMSGAAPLGKELEDTV
RAKFPNAKLGQGYGMTEAGPLAMCLAFAKEPFEIKSGACGTVVRNAEMKIVDPKTGNSLPRNQSGEICIRGDQIMKGYLN
DPEATARTIDKEGWLYTGDIGYIDDDDELFIVDRLKELIKYKGFQVAPAELEALLLNHPNISDAAVVPMKDEQAGEVPVA
FVVRSNGSTITEDEVKDFISKQVIFYKRIKRVFFVDAIPKSPSGKILRKDLRAKLAAGLPN
;
_entity_poly.pdbx_strand_id   A,B
#
# COMPACT_ATOMS: atom_id res chain seq x y z
N ASP A 9 -32.77 9.51 -12.82
CA ASP A 9 -31.95 8.41 -13.43
C ASP A 9 -32.88 7.40 -14.13
N ILE A 10 -32.61 7.10 -15.40
CA ILE A 10 -33.29 6.01 -16.10
C ILE A 10 -32.45 4.74 -15.92
N ILE A 11 -33.01 3.76 -15.22
CA ILE A 11 -32.30 2.53 -14.82
C ILE A 11 -32.68 1.29 -15.64
N PHE A 12 -31.68 0.50 -16.03
CA PHE A 12 -31.89 -0.75 -16.75
C PHE A 12 -31.43 -1.92 -15.89
N ARG A 13 -32.18 -3.02 -15.97
CA ARG A 13 -31.90 -4.24 -15.21
C ARG A 13 -32.04 -5.47 -16.11
N SER A 14 -31.61 -6.61 -15.60
CA SER A 14 -31.69 -7.85 -16.35
C SER A 14 -33.14 -8.28 -16.58
N LYS A 15 -33.36 -9.01 -17.67
CA LYS A 15 -34.63 -9.71 -17.90
C LYS A 15 -34.83 -10.89 -16.93
N LEU A 16 -33.76 -11.29 -16.27
CA LEU A 16 -33.82 -12.29 -15.19
C LEU A 16 -34.10 -11.62 -13.84
N PRO A 17 -34.75 -12.36 -12.92
CA PRO A 17 -34.96 -11.81 -11.57
C PRO A 17 -33.67 -11.79 -10.73
N ASP A 18 -33.59 -10.89 -9.76
CA ASP A 18 -32.53 -10.94 -8.78
C ASP A 18 -32.59 -12.26 -8.01
N ILE A 19 -31.42 -12.76 -7.61
CA ILE A 19 -31.29 -13.99 -6.84
C ILE A 19 -30.56 -13.73 -5.52
N TYR A 20 -30.66 -14.66 -4.57
CA TYR A 20 -29.82 -14.61 -3.40
C TYR A 20 -28.36 -14.92 -3.75
N ILE A 21 -27.43 -14.07 -3.29
CA ILE A 21 -26.00 -14.29 -3.51
C ILE A 21 -25.27 -14.38 -2.17
N PRO A 22 -24.65 -15.54 -1.87
CA PRO A 22 -23.92 -15.68 -0.62
C PRO A 22 -22.49 -15.06 -0.67
N ASN A 23 -22.42 -13.73 -0.83
CA ASN A 23 -21.14 -13.00 -0.99
C ASN A 23 -20.43 -12.64 0.33
N HIS A 24 -20.91 -13.27 1.41
CA HIS A 24 -20.21 -13.31 2.68
C HIS A 24 -19.22 -14.49 2.67
N LEU A 25 -19.32 -15.37 1.67
CA LEU A 25 -18.42 -16.53 1.62
C LEU A 25 -17.05 -16.19 1.01
N PRO A 26 -15.96 -16.70 1.60
CA PRO A 26 -14.65 -16.66 0.93
C PRO A 26 -14.77 -17.26 -0.46
N LEU A 27 -13.97 -16.77 -1.40
CA LEU A 27 -14.06 -17.19 -2.79
C LEU A 27 -13.93 -18.70 -2.93
N HIS A 28 -12.93 -19.28 -2.27
CA HIS A 28 -12.68 -20.72 -2.33
C HIS A 28 -13.85 -21.50 -1.73
N SER A 29 -14.40 -20.99 -0.62
CA SER A 29 -15.56 -21.61 0.03
C SER A 29 -16.77 -21.57 -0.90
N TYR A 30 -16.97 -20.45 -1.58
CA TYR A 30 -18.05 -20.36 -2.54
C TYR A 30 -17.89 -21.30 -3.76
N CYS A 31 -16.73 -21.26 -4.40
CA CYS A 31 -16.46 -22.07 -5.61
C CYS A 31 -16.51 -23.57 -5.34
N PHE A 32 -16.07 -24.00 -4.16
CA PHE A 32 -16.13 -25.41 -3.78
C PHE A 32 -17.34 -25.74 -2.91
N GLU A 33 -18.29 -24.82 -2.79
CA GLU A 33 -19.46 -25.14 -1.97
C GLU A 33 -20.11 -26.51 -2.29
N ASN A 34 -20.31 -26.79 -3.58
CA ASN A 34 -21.03 -28.01 -3.99
C ASN A 34 -20.12 -29.19 -4.40
N ILE A 35 -18.86 -29.09 -4.01
CA ILE A 35 -17.83 -30.01 -4.43
C ILE A 35 -18.17 -31.50 -4.17
N SER A 36 -18.90 -31.80 -3.10
CA SER A 36 -19.18 -33.21 -2.79
C SER A 36 -20.08 -33.84 -3.85
N GLU A 37 -20.86 -33.02 -4.56
CA GLU A 37 -21.67 -33.50 -5.67
C GLU A 37 -20.83 -33.97 -6.86
N PHE A 38 -19.58 -33.52 -6.97
CA PHE A 38 -18.76 -33.86 -8.15
C PHE A 38 -17.29 -34.02 -7.87
N SER A 39 -16.95 -34.42 -6.65
CA SER A 39 -15.55 -34.48 -6.19
C SER A 39 -14.66 -35.43 -7.00
N SER A 40 -15.27 -36.47 -7.57
CA SER A 40 -14.58 -37.46 -8.39
C SER A 40 -14.43 -37.06 -9.86
N ARG A 41 -15.19 -36.08 -10.31
CA ARG A 41 -15.19 -35.68 -11.72
C ARG A 41 -13.95 -34.90 -12.13
N PRO A 42 -13.61 -34.91 -13.45
CA PRO A 42 -12.50 -34.11 -13.93
C PRO A 42 -12.68 -32.62 -13.64
N CYS A 43 -11.63 -32.00 -13.13
CA CYS A 43 -11.65 -30.58 -12.81
C CYS A 43 -10.73 -29.82 -13.75
N LEU A 44 -9.44 -30.15 -13.70
CA LEU A 44 -8.44 -29.54 -14.57
C LEU A 44 -7.80 -30.59 -15.49
N ILE A 45 -7.79 -30.29 -16.78
CA ILE A 45 -7.06 -31.12 -17.73
C ILE A 45 -5.94 -30.34 -18.39
N ASN A 46 -4.73 -30.85 -18.25
CA ASN A 46 -3.58 -30.31 -18.94
C ASN A 46 -3.51 -30.82 -20.39
N GLY A 47 -3.90 -29.95 -21.32
CA GLY A 47 -3.86 -30.27 -22.75
C GLY A 47 -2.49 -30.68 -23.27
N ALA A 48 -1.43 -30.10 -22.73
CA ALA A 48 -0.07 -30.35 -23.20
C ALA A 48 0.41 -31.78 -22.91
N ASN A 49 0.21 -32.23 -21.68
CA ASN A 49 0.70 -33.55 -21.27
C ASN A 49 -0.39 -34.57 -20.89
N LYS A 50 -1.66 -34.24 -21.11
CA LYS A 50 -2.78 -35.20 -20.91
C LYS A 50 -3.26 -35.40 -19.44
N GLN A 51 -2.55 -34.81 -18.48
CA GLN A 51 -2.83 -35.03 -17.06
C GLN A 51 -4.22 -34.54 -16.62
N ILE A 52 -4.88 -35.32 -15.75
CA ILE A 52 -6.19 -34.98 -15.22
C ILE A 52 -6.17 -34.86 -13.69
N TYR A 53 -6.67 -33.74 -13.17
CA TYR A 53 -6.94 -33.60 -11.73
C TYR A 53 -8.46 -33.61 -11.47
N THR A 54 -8.90 -34.41 -10.51
CA THR A 54 -10.31 -34.40 -10.10
C THR A 54 -10.60 -33.16 -9.23
N TYR A 55 -11.89 -32.93 -8.95
CA TYR A 55 -12.24 -31.82 -8.07
C TYR A 55 -11.57 -31.97 -6.71
N ALA A 56 -11.56 -33.20 -6.20
CA ALA A 56 -10.90 -33.54 -4.94
C ALA A 56 -9.42 -33.26 -4.97
N ASP A 57 -8.76 -33.66 -6.07
CA ASP A 57 -7.33 -33.41 -6.28
C ASP A 57 -7.04 -31.91 -6.20
N VAL A 58 -7.93 -31.11 -6.76
CA VAL A 58 -7.71 -29.70 -6.92
C VAL A 58 -7.92 -28.96 -5.59
N GLU A 59 -8.98 -29.30 -4.86
CA GLU A 59 -9.13 -28.76 -3.51
C GLU A 59 -7.93 -29.15 -2.65
N LEU A 60 -7.51 -30.42 -2.75
CA LEU A 60 -6.37 -30.95 -1.98
C LEU A 60 -5.06 -30.21 -2.27
N ASN A 61 -4.71 -30.10 -3.55
CA ASN A 61 -3.50 -29.41 -3.95
C ASN A 61 -3.52 -27.93 -3.56
N SER A 62 -4.67 -27.28 -3.71
CA SER A 62 -4.85 -25.89 -3.29
C SER A 62 -4.67 -25.76 -1.78
N ARG A 63 -5.24 -26.70 -1.02
CA ARG A 63 -5.07 -26.67 0.45
C ARG A 63 -3.60 -26.79 0.81
N LYS A 64 -2.89 -27.71 0.16
CA LYS A 64 -1.47 -27.92 0.40
C LYS A 64 -0.61 -26.73 0.04
N VAL A 65 -0.88 -26.16 -1.15
CA VAL A 65 -0.18 -24.93 -1.59
C VAL A 65 -0.39 -23.79 -0.58
N ALA A 66 -1.60 -23.65 -0.06
CA ALA A 66 -1.89 -22.71 1.01
C ALA A 66 -0.94 -22.94 2.22
N ALA A 67 -0.89 -24.18 2.70
CA ALA A 67 -0.05 -24.53 3.85
C ALA A 67 1.41 -24.25 3.51
N GLY A 68 1.81 -24.53 2.27
CA GLY A 68 3.17 -24.27 1.83
C GLY A 68 3.49 -22.78 1.70
N LEU A 69 2.55 -22.00 1.18
CA LEU A 69 2.74 -20.57 1.06
C LEU A 69 2.91 -19.90 2.45
N HIS A 70 2.09 -20.32 3.42
CA HIS A 70 2.23 -19.87 4.80
C HIS A 70 3.63 -20.17 5.34
N LYS A 71 4.10 -21.38 5.09
CA LYS A 71 5.42 -21.82 5.55
C LYS A 71 6.52 -20.99 4.87
N GLN A 72 6.23 -20.44 3.70
CA GLN A 72 7.16 -19.51 3.05
C GLN A 72 7.02 -18.06 3.53
N GLY A 73 6.13 -17.83 4.50
CA GLY A 73 5.97 -16.51 5.11
C GLY A 73 4.79 -15.66 4.66
N ILE A 74 3.93 -16.21 3.79
CA ILE A 74 2.73 -15.48 3.36
C ILE A 74 1.70 -15.38 4.47
N GLN A 75 1.32 -14.15 4.80
CA GLN A 75 0.29 -13.92 5.80
C GLN A 75 -0.97 -13.33 5.14
N PRO A 76 -2.07 -13.21 5.90
CA PRO A 76 -3.21 -12.50 5.36
C PRO A 76 -2.81 -11.15 4.85
N LYS A 77 -3.41 -10.76 3.72
CA LYS A 77 -3.14 -9.48 3.04
C LYS A 77 -1.74 -9.31 2.45
N ASP A 78 -0.88 -10.31 2.56
CA ASP A 78 0.34 -10.32 1.73
C ASP A 78 -0.02 -10.67 0.27
N THR A 79 0.90 -10.35 -0.62
CA THR A 79 0.70 -10.48 -2.06
C THR A 79 1.72 -11.44 -2.69
N ILE A 80 1.23 -12.36 -3.51
CA ILE A 80 2.11 -13.17 -4.34
C ILE A 80 1.89 -12.72 -5.79
N MET A 81 2.90 -12.89 -6.62
CA MET A 81 2.75 -12.62 -8.05
C MET A 81 2.73 -13.93 -8.79
N ILE A 82 1.70 -14.13 -9.61
CA ILE A 82 1.66 -15.29 -10.47
C ILE A 82 2.11 -14.80 -11.86
N LEU A 83 3.19 -15.40 -12.37
CA LEU A 83 3.74 -15.07 -13.68
C LEU A 83 3.80 -16.34 -14.53
N LEU A 84 2.63 -16.82 -14.93
CA LEU A 84 2.48 -18.15 -15.50
C LEU A 84 1.56 -18.19 -16.71
N PRO A 85 1.87 -19.08 -17.65
CA PRO A 85 0.88 -19.38 -18.67
C PRO A 85 -0.22 -20.23 -18.03
N ASN A 86 -1.33 -20.45 -18.72
CA ASN A 86 -2.39 -21.31 -18.18
C ASN A 86 -1.82 -22.68 -17.82
N SER A 87 -2.14 -23.16 -16.62
CA SER A 87 -1.55 -24.36 -16.03
C SER A 87 -2.31 -24.74 -14.73
N PRO A 88 -2.24 -26.02 -14.31
CA PRO A 88 -2.76 -26.38 -12.99
C PRO A 88 -2.14 -25.53 -11.87
N GLU A 89 -0.86 -25.21 -11.99
CA GLU A 89 -0.15 -24.47 -10.95
C GLU A 89 -0.67 -23.04 -10.75
N PHE A 90 -1.09 -22.41 -11.84
CA PHE A 90 -1.70 -21.08 -11.74
C PHE A 90 -2.87 -21.19 -10.75
N VAL A 91 -3.72 -22.18 -10.98
CA VAL A 91 -4.92 -22.39 -10.19
C VAL A 91 -4.60 -22.72 -8.74
N PHE A 92 -3.65 -23.63 -8.51
CA PHE A 92 -3.29 -24.00 -7.13
C PHE A 92 -2.74 -22.80 -6.37
N ALA A 93 -1.94 -21.97 -7.03
CA ALA A 93 -1.37 -20.79 -6.37
C ALA A 93 -2.48 -19.79 -6.06
N PHE A 94 -3.40 -19.60 -7.01
CA PHE A 94 -4.45 -18.60 -6.86
C PHE A 94 -5.41 -18.89 -5.69
N ILE A 95 -5.93 -20.11 -5.66
CA ILE A 95 -6.82 -20.56 -4.60
C ILE A 95 -6.06 -20.74 -3.31
N GLY A 96 -4.82 -21.24 -3.42
CA GLY A 96 -3.91 -21.33 -2.29
C GLY A 96 -3.80 -20.02 -1.51
N ALA A 97 -3.53 -18.91 -2.22
CA ALA A 97 -3.47 -17.59 -1.57
C ALA A 97 -4.82 -17.21 -0.99
N SER A 98 -5.90 -17.62 -1.66
CA SER A 98 -7.25 -17.34 -1.19
C SER A 98 -7.54 -17.95 0.20
N TYR A 99 -7.12 -19.21 0.39
CA TYR A 99 -7.22 -19.87 1.69
C TYR A 99 -6.51 -19.13 2.82
N LEU A 100 -5.50 -18.33 2.48
CA LEU A 100 -4.70 -17.59 3.48
C LEU A 100 -5.23 -16.21 3.74
N GLY A 101 -6.24 -15.80 2.99
CA GLY A 101 -6.74 -14.43 3.06
C GLY A 101 -5.73 -13.52 2.40
N ALA A 102 -4.96 -14.10 1.48
CA ALA A 102 -3.91 -13.35 0.80
C ALA A 102 -4.33 -13.00 -0.63
N ILE A 103 -3.45 -12.29 -1.33
CA ILE A 103 -3.74 -11.70 -2.63
C ILE A 103 -2.82 -12.31 -3.70
N SER A 104 -3.40 -12.66 -4.85
CA SER A 104 -2.61 -12.94 -6.05
C SER A 104 -2.68 -11.78 -7.02
N THR A 105 -1.53 -11.19 -7.35
CA THR A 105 -1.47 -10.33 -8.52
C THR A 105 -1.02 -11.22 -9.69
N MET A 106 -1.72 -11.14 -10.82
CA MET A 106 -1.37 -11.99 -11.96
C MET A 106 -0.86 -11.15 -13.12
N ALA A 107 0.11 -11.70 -13.87
CA ALA A 107 0.73 -10.94 -14.95
C ALA A 107 1.04 -11.79 -16.18
N ASN A 108 0.99 -11.15 -17.34
CA ASN A 108 1.33 -11.79 -18.62
C ASN A 108 2.79 -12.27 -18.54
N PRO A 109 3.03 -13.60 -18.64
CA PRO A 109 4.42 -14.09 -18.55
C PRO A 109 5.32 -13.63 -19.73
N LEU A 110 4.71 -13.09 -20.78
CA LEU A 110 5.48 -12.57 -21.91
C LEU A 110 5.78 -11.07 -21.80
N PHE A 111 5.47 -10.46 -20.65
CA PHE A 111 5.91 -9.11 -20.29
C PHE A 111 7.43 -9.00 -20.43
N THR A 112 7.93 -7.82 -20.75
CA THR A 112 9.36 -7.54 -20.73
C THR A 112 9.84 -7.52 -19.26
N PRO A 113 11.17 -7.71 -19.02
CA PRO A 113 11.67 -7.56 -17.64
C PRO A 113 11.20 -6.30 -16.93
N ALA A 114 11.26 -5.15 -17.60
CA ALA A 114 10.82 -3.89 -16.97
C ALA A 114 9.33 -3.88 -16.59
N GLU A 115 8.47 -4.51 -17.39
CA GLU A 115 7.04 -4.53 -17.07
C GLU A 115 6.79 -5.43 -15.86
N VAL A 116 7.54 -6.52 -15.78
CA VAL A 116 7.41 -7.45 -14.68
C VAL A 116 7.81 -6.83 -13.37
N VAL A 117 8.97 -6.18 -13.34
CA VAL A 117 9.48 -5.58 -12.13
C VAL A 117 8.57 -4.44 -11.69
N LYS A 118 8.09 -3.65 -12.65
CA LYS A 118 7.15 -2.56 -12.35
C LYS A 118 5.90 -3.08 -11.59
N GLN A 119 5.32 -4.18 -12.07
CA GLN A 119 4.13 -4.75 -11.43
C GLN A 119 4.49 -5.38 -10.08
N ALA A 120 5.62 -6.08 -10.02
CA ALA A 120 6.10 -6.69 -8.78
C ALA A 120 6.26 -5.63 -7.70
N LYS A 121 6.83 -4.48 -8.08
CA LYS A 121 7.00 -3.36 -7.15
C LYS A 121 5.69 -2.70 -6.72
N ALA A 122 4.82 -2.41 -7.69
CA ALA A 122 3.60 -1.69 -7.37
C ALA A 122 2.68 -2.56 -6.50
N SER A 123 2.73 -3.89 -6.68
CA SER A 123 1.92 -4.83 -5.89
C SER A 123 2.51 -5.24 -4.53
N SER A 124 3.78 -4.90 -4.29
CA SER A 124 4.52 -5.30 -3.09
C SER A 124 4.60 -6.82 -2.93
N ALA A 125 4.70 -7.52 -4.05
CA ALA A 125 4.74 -8.99 -4.06
C ALA A 125 5.93 -9.54 -3.30
N LYS A 126 5.69 -10.53 -2.45
CA LYS A 126 6.72 -11.15 -1.60
C LYS A 126 7.25 -12.45 -2.19
N ILE A 127 6.44 -13.05 -3.05
CA ILE A 127 6.81 -14.25 -3.79
C ILE A 127 6.39 -14.08 -5.25
N ILE A 128 7.27 -14.43 -6.20
CA ILE A 128 6.91 -14.56 -7.63
C ILE A 128 6.84 -16.04 -8.00
N VAL A 129 5.68 -16.49 -8.51
CA VAL A 129 5.54 -17.85 -9.02
C VAL A 129 5.59 -17.83 -10.54
N THR A 130 6.49 -18.59 -11.14
CA THR A 130 6.81 -18.49 -12.57
C THR A 130 7.43 -19.77 -13.16
N GLN A 131 7.88 -19.67 -14.42
CA GLN A 131 8.66 -20.73 -15.10
C GLN A 131 10.15 -20.38 -15.08
N ALA A 132 11.01 -21.39 -15.26
CA ALA A 132 12.46 -21.18 -15.22
C ALA A 132 12.88 -20.16 -16.27
N CYS A 133 12.32 -20.28 -17.47
CA CYS A 133 12.66 -19.41 -18.60
C CYS A 133 12.45 -17.91 -18.37
N HIS A 134 11.61 -17.55 -17.40
CA HIS A 134 11.29 -16.15 -17.12
C HIS A 134 12.03 -15.58 -15.89
N VAL A 135 12.81 -16.42 -15.21
CA VAL A 135 13.54 -16.01 -14.00
C VAL A 135 14.46 -14.80 -14.22
N ASN A 136 15.11 -14.74 -15.38
CA ASN A 136 16.03 -13.67 -15.76
C ASN A 136 15.37 -12.27 -15.75
N LYS A 137 14.07 -12.24 -15.98
CA LYS A 137 13.28 -11.00 -15.92
C LYS A 137 13.19 -10.37 -14.52
N VAL A 138 13.38 -11.16 -13.46
CA VAL A 138 13.09 -10.72 -12.09
C VAL A 138 14.18 -11.00 -11.05
N LYS A 139 15.11 -11.89 -11.39
CA LYS A 139 16.14 -12.37 -10.47
C LYS A 139 16.85 -11.25 -9.69
N ASP A 140 17.40 -10.27 -10.40
CA ASP A 140 18.19 -9.24 -9.73
C ASP A 140 17.36 -8.37 -8.79
N TYR A 141 16.20 -7.90 -9.27
CA TYR A 141 15.27 -7.18 -8.42
C TYR A 141 14.92 -8.03 -7.20
N ALA A 142 14.49 -9.26 -7.46
CA ALA A 142 14.01 -10.16 -6.40
C ALA A 142 15.06 -10.47 -5.33
N PHE A 143 16.28 -10.74 -5.76
CA PHE A 143 17.36 -11.04 -4.84
C PHE A 143 17.76 -9.81 -4.00
N GLU A 144 17.80 -8.65 -4.63
CA GLU A 144 18.09 -7.40 -3.92
C GLU A 144 16.94 -6.94 -3.01
N ASN A 145 15.73 -7.44 -3.24
CA ASN A 145 14.58 -6.99 -2.45
C ASN A 145 13.81 -8.05 -1.68
N ASP A 146 14.47 -9.15 -1.34
CA ASP A 146 13.88 -10.18 -0.46
C ASP A 146 12.59 -10.79 -1.01
N VAL A 147 12.56 -10.98 -2.32
CA VAL A 147 11.42 -11.60 -2.98
C VAL A 147 11.84 -13.00 -3.42
N LYS A 148 11.10 -14.00 -2.96
CA LYS A 148 11.37 -15.40 -3.31
C LYS A 148 10.82 -15.74 -4.67
N ILE A 149 11.53 -16.58 -5.42
CA ILE A 149 11.07 -17.06 -6.73
C ILE A 149 10.75 -18.54 -6.66
N ILE A 150 9.55 -18.93 -7.09
CA ILE A 150 9.14 -20.34 -7.15
C ILE A 150 8.84 -20.71 -8.60
N CYS A 151 9.53 -21.72 -9.11
CA CYS A 151 9.36 -22.16 -10.49
C CYS A 151 8.59 -23.46 -10.58
N ILE A 152 7.74 -23.60 -11.61
CA ILE A 152 6.90 -24.80 -11.74
C ILE A 152 7.59 -25.97 -12.43
N ASP A 153 8.65 -25.69 -13.20
CA ASP A 153 9.33 -26.71 -14.02
C ASP A 153 10.73 -27.09 -13.49
N SER A 154 11.73 -26.21 -13.63
CA SER A 154 13.03 -26.42 -12.95
C SER A 154 13.28 -25.22 -12.08
N ALA A 155 14.14 -25.37 -11.08
CA ALA A 155 14.49 -24.28 -10.20
C ALA A 155 15.95 -23.84 -10.42
N PRO A 156 16.17 -22.74 -11.18
CA PRO A 156 17.52 -22.14 -11.30
C PRO A 156 18.11 -21.81 -9.93
N GLU A 157 19.40 -21.55 -9.86
CA GLU A 157 20.02 -21.23 -8.58
C GLU A 157 19.39 -19.99 -7.97
N GLY A 158 19.22 -20.02 -6.65
CA GLY A 158 18.54 -18.94 -5.93
C GLY A 158 17.03 -19.08 -5.97
N CYS A 159 16.53 -20.08 -6.68
CA CYS A 159 15.09 -20.28 -6.79
C CYS A 159 14.64 -21.54 -6.08
N LEU A 160 13.38 -21.58 -5.71
CA LEU A 160 12.74 -22.76 -5.16
C LEU A 160 11.86 -23.40 -6.23
N HIS A 161 11.50 -24.67 -6.02
CA HIS A 161 10.62 -25.40 -6.95
C HIS A 161 9.22 -25.48 -6.36
N PHE A 162 8.22 -25.43 -7.22
CA PHE A 162 6.81 -25.46 -6.80
C PHE A 162 6.48 -26.62 -5.85
N SER A 163 7.06 -27.79 -6.11
CA SER A 163 6.82 -28.97 -5.24
C SER A 163 7.16 -28.73 -3.77
N VAL A 164 8.00 -27.73 -3.49
CA VAL A 164 8.23 -27.28 -2.11
C VAL A 164 6.91 -26.85 -1.45
N LEU A 165 5.97 -26.29 -2.22
CA LEU A 165 4.66 -25.90 -1.68
C LEU A 165 3.72 -27.08 -1.44
N THR A 166 3.66 -27.99 -2.42
CA THR A 166 2.77 -29.16 -2.34
C THR A 166 3.27 -30.25 -1.39
N GLN A 167 4.48 -30.09 -0.86
CA GLN A 167 4.98 -30.97 0.20
C GLN A 167 4.26 -30.75 1.51
N ALA A 168 3.87 -29.49 1.77
CA ALA A 168 3.17 -29.12 3.00
C ALA A 168 1.89 -29.92 3.22
N ASN A 169 1.45 -29.98 4.46
CA ASN A 169 0.28 -30.73 4.81
C ASN A 169 -1.00 -29.93 4.74
N GLU A 170 -2.00 -30.54 4.12
CA GLU A 170 -3.31 -29.97 3.85
C GLU A 170 -4.06 -29.38 5.07
N HIS A 171 -3.92 -30.01 6.23
CA HIS A 171 -4.58 -29.49 7.44
C HIS A 171 -3.70 -28.52 8.26
N ASP A 172 -2.56 -28.14 7.71
CA ASP A 172 -1.68 -27.12 8.31
C ASP A 172 -1.95 -25.68 7.82
N ILE A 173 -3.16 -25.40 7.35
CA ILE A 173 -3.53 -24.01 6.96
C ILE A 173 -3.87 -23.23 8.23
N PRO A 174 -3.24 -22.05 8.44
CA PRO A 174 -3.54 -21.33 9.67
C PRO A 174 -4.98 -20.89 9.75
N GLU A 175 -5.48 -20.76 10.98
CA GLU A 175 -6.78 -20.13 11.22
C GLU A 175 -6.73 -18.74 10.61
N VAL A 176 -7.86 -18.34 10.01
CA VAL A 176 -8.00 -17.01 9.43
C VAL A 176 -9.46 -16.60 9.41
N GLU A 177 -9.72 -15.31 9.60
CA GLU A 177 -11.04 -14.75 9.40
C GLU A 177 -10.94 -13.82 8.22
N ILE A 178 -11.45 -14.25 7.08
CA ILE A 178 -11.46 -13.42 5.88
C ILE A 178 -12.71 -12.56 5.86
N GLN A 179 -12.57 -11.27 5.60
CA GLN A 179 -13.72 -10.40 5.45
C GLN A 179 -14.15 -10.34 3.99
N PRO A 180 -15.46 -10.13 3.73
CA PRO A 180 -15.99 -9.97 2.36
C PRO A 180 -15.22 -8.96 1.52
N ASP A 181 -14.82 -7.85 2.12
CA ASP A 181 -14.10 -6.80 1.37
C ASP A 181 -12.59 -6.99 1.32
N ASP A 182 -12.08 -8.11 1.83
CA ASP A 182 -10.67 -8.41 1.65
C ASP A 182 -10.37 -8.69 0.16
N VAL A 183 -9.27 -8.13 -0.31
CA VAL A 183 -8.78 -8.34 -1.66
C VAL A 183 -8.28 -9.79 -1.85
N VAL A 184 -8.57 -10.39 -3.00
CA VAL A 184 -8.08 -11.74 -3.32
C VAL A 184 -7.40 -11.82 -4.70
N ALA A 185 -7.79 -10.92 -5.61
CA ALA A 185 -7.17 -10.85 -6.94
C ALA A 185 -6.75 -9.42 -7.28
N LEU A 186 -5.56 -9.28 -7.85
CA LEU A 186 -5.05 -7.95 -8.21
C LEU A 186 -4.53 -7.97 -9.66
N PRO A 187 -5.45 -8.11 -10.62
CA PRO A 187 -5.04 -7.95 -12.01
C PRO A 187 -4.73 -6.47 -12.25
N TYR A 188 -3.86 -6.19 -13.21
CA TYR A 188 -3.52 -4.80 -13.58
C TYR A 188 -4.20 -4.50 -14.92
N SER A 189 -4.71 -3.28 -15.08
CA SER A 189 -5.27 -2.84 -16.38
C SER A 189 -5.02 -1.37 -16.69
N SER A 190 -4.73 -1.11 -17.97
CA SER A 190 -4.55 0.26 -18.50
C SER A 190 -5.83 0.82 -19.15
N GLY A 191 -6.83 -0.05 -19.28
CA GLY A 191 -8.12 0.20 -19.94
C GLY A 191 -8.79 1.56 -19.87
N THR A 192 -9.21 1.99 -18.67
CA THR A 192 -10.04 3.22 -18.55
C THR A 192 -9.31 4.53 -18.86
N THR A 193 -8.33 4.91 -18.02
CA THR A 193 -7.61 6.18 -18.19
C THR A 193 -6.25 6.22 -17.46
N GLY A 194 -5.17 6.24 -18.26
CA GLY A 194 -3.80 6.35 -17.74
C GLY A 194 -2.92 5.12 -17.89
N LEU A 195 -1.97 5.00 -16.96
CA LEU A 195 -0.97 3.91 -16.94
C LEU A 195 -1.52 2.71 -16.15
N PRO A 196 -0.84 1.56 -16.20
CA PRO A 196 -1.31 0.36 -15.50
C PRO A 196 -1.78 0.63 -14.06
N LYS A 197 -2.98 0.16 -13.72
CA LYS A 197 -3.48 0.27 -12.35
C LYS A 197 -3.81 -1.08 -11.73
N GLY A 198 -3.50 -1.20 -10.43
CA GLY A 198 -3.84 -2.39 -9.68
C GLY A 198 -5.32 -2.40 -9.38
N VAL A 199 -6.02 -3.39 -9.90
CA VAL A 199 -7.47 -3.48 -9.70
C VAL A 199 -7.77 -4.44 -8.54
N MET A 200 -8.22 -3.85 -7.45
CA MET A 200 -8.53 -4.58 -6.22
C MET A 200 -9.88 -5.31 -6.32
N LEU A 201 -9.82 -6.60 -6.60
CA LEU A 201 -11.02 -7.45 -6.64
C LEU A 201 -11.14 -8.29 -5.36
N THR A 202 -12.31 -8.22 -4.72
CA THR A 202 -12.53 -8.79 -3.40
C THR A 202 -13.22 -10.13 -3.42
N HIS A 203 -13.24 -10.80 -2.26
CA HIS A 203 -14.01 -12.03 -2.16
C HIS A 203 -15.48 -11.78 -2.52
N LYS A 204 -16.07 -10.76 -1.90
CA LYS A 204 -17.46 -10.39 -2.12
C LYS A 204 -17.69 -10.06 -3.59
N GLY A 205 -16.82 -9.22 -4.14
CA GLY A 205 -16.90 -8.82 -5.54
C GLY A 205 -16.89 -10.00 -6.51
N LEU A 206 -15.95 -10.92 -6.34
CA LEU A 206 -15.85 -12.07 -7.25
C LEU A 206 -16.93 -13.11 -7.06
N VAL A 207 -17.30 -13.38 -5.80
CA VAL A 207 -18.43 -14.27 -5.55
C VAL A 207 -19.68 -13.70 -6.21
N THR A 208 -19.87 -12.39 -6.09
CA THR A 208 -21.01 -11.76 -6.74
C THR A 208 -21.01 -11.94 -8.24
N SER A 209 -19.87 -11.73 -8.90
CA SER A 209 -19.83 -11.80 -10.36
C SER A 209 -20.11 -13.21 -10.86
N VAL A 210 -19.51 -14.18 -10.19
CA VAL A 210 -19.69 -15.57 -10.53
C VAL A 210 -21.16 -15.96 -10.41
N ALA A 211 -21.77 -15.58 -9.30
CA ALA A 211 -23.16 -15.92 -9.07
C ALA A 211 -24.04 -15.29 -10.14
N GLN A 212 -23.73 -14.04 -10.51
CA GLN A 212 -24.53 -13.31 -11.50
C GLN A 212 -24.58 -14.06 -12.83
N GLN A 213 -23.53 -14.84 -13.10
CA GLN A 213 -23.42 -15.64 -14.33
C GLN A 213 -24.00 -17.05 -14.20
N VAL A 214 -23.64 -17.80 -13.16
CA VAL A 214 -23.98 -19.26 -13.15
C VAL A 214 -24.98 -19.70 -12.08
N ASP A 215 -25.32 -18.85 -11.13
CA ASP A 215 -26.31 -19.27 -10.12
C ASP A 215 -27.75 -18.90 -10.48
N GLY A 216 -28.70 -19.32 -9.65
CA GLY A 216 -30.12 -18.97 -9.85
C GLY A 216 -30.86 -20.09 -10.56
N GLU A 217 -32.18 -20.10 -10.45
CA GLU A 217 -32.99 -21.14 -11.14
C GLU A 217 -32.78 -21.11 -12.67
N ASN A 218 -32.83 -19.93 -13.26
CA ASN A 218 -32.48 -19.79 -14.66
C ASN A 218 -31.16 -19.01 -14.73
N PRO A 219 -30.01 -19.71 -14.79
CA PRO A 219 -28.75 -18.94 -14.82
C PRO A 219 -28.55 -18.19 -16.16
N ASN A 220 -27.88 -17.02 -16.13
CA ASN A 220 -27.58 -16.22 -17.33
C ASN A 220 -26.69 -17.01 -18.27
N LEU A 221 -25.77 -17.78 -17.68
CA LEU A 221 -24.86 -18.63 -18.43
C LEU A 221 -24.98 -20.04 -17.86
N TYR A 222 -25.78 -20.87 -18.51
CA TYR A 222 -25.99 -22.26 -18.09
C TYR A 222 -24.77 -23.15 -18.39
N ILE A 223 -24.17 -23.64 -17.33
CA ILE A 223 -23.03 -24.55 -17.38
C ILE A 223 -23.24 -25.51 -16.22
N HIS A 224 -22.93 -26.79 -16.42
CA HIS A 224 -23.14 -27.80 -15.37
C HIS A 224 -21.96 -28.75 -15.26
N SER A 225 -22.05 -29.72 -14.35
CA SER A 225 -20.92 -30.60 -14.02
C SER A 225 -20.52 -31.63 -15.07
N GLU A 226 -21.32 -31.74 -16.14
CA GLU A 226 -20.95 -32.62 -17.23
C GLU A 226 -20.37 -31.87 -18.42
N ASP A 227 -20.36 -30.54 -18.33
CA ASP A 227 -19.74 -29.71 -19.36
C ASP A 227 -18.21 -29.79 -19.36
N VAL A 228 -17.61 -29.54 -20.52
CA VAL A 228 -16.16 -29.47 -20.69
C VAL A 228 -15.89 -28.10 -21.31
N MET A 229 -15.31 -27.19 -20.52
CA MET A 229 -14.97 -25.82 -20.95
C MET A 229 -13.52 -25.73 -21.39
N LEU A 230 -13.30 -25.10 -22.52
CA LEU A 230 -11.96 -24.86 -23.01
C LEU A 230 -11.38 -23.62 -22.30
N CYS A 231 -10.18 -23.77 -21.75
CA CYS A 231 -9.44 -22.66 -21.14
C CYS A 231 -8.18 -22.29 -21.97
N VAL A 232 -8.41 -21.67 -23.13
CA VAL A 232 -7.32 -21.13 -23.94
C VAL A 232 -7.11 -19.64 -23.67
N LEU A 233 -8.13 -18.96 -23.17
CA LEU A 233 -8.00 -17.56 -22.83
C LEU A 233 -7.08 -17.41 -21.60
N PRO A 234 -6.28 -16.34 -21.57
CA PRO A 234 -5.28 -16.21 -20.48
C PRO A 234 -5.92 -15.96 -19.12
N LEU A 235 -5.55 -16.82 -18.17
CA LEU A 235 -6.04 -16.75 -16.80
C LEU A 235 -5.54 -15.50 -16.06
N PHE A 236 -4.44 -14.92 -16.52
CA PHE A 236 -3.96 -13.69 -15.89
C PHE A 236 -4.85 -12.49 -16.21
N HIS A 237 -5.87 -12.71 -17.07
CA HIS A 237 -6.79 -11.64 -17.44
C HIS A 237 -8.19 -12.02 -17.01
N ILE A 238 -9.00 -11.02 -16.74
CA ILE A 238 -10.25 -11.24 -15.99
C ILE A 238 -11.26 -12.19 -16.63
N TYR A 239 -11.32 -12.18 -17.96
CA TYR A 239 -12.33 -12.94 -18.71
C TYR A 239 -12.21 -14.45 -18.47
N SER A 240 -10.99 -14.97 -18.60
CA SER A 240 -10.73 -16.38 -18.33
C SER A 240 -10.77 -16.71 -16.82
N LEU A 241 -10.10 -15.89 -16.01
CA LEU A 241 -10.06 -16.09 -14.54
C LEU A 241 -11.45 -16.25 -13.95
N ASN A 242 -12.34 -15.35 -14.38
CA ASN A 242 -13.66 -15.18 -13.81
C ASN A 242 -14.64 -16.13 -14.51
N SER A 243 -14.84 -15.94 -15.81
CA SER A 243 -15.83 -16.71 -16.55
C SER A 243 -15.50 -18.17 -16.84
N VAL A 244 -14.22 -18.52 -16.89
CA VAL A 244 -13.83 -19.91 -17.18
C VAL A 244 -13.47 -20.64 -15.90
N LEU A 245 -12.40 -20.20 -15.23
CA LEU A 245 -11.96 -20.86 -14.02
C LEU A 245 -12.99 -20.79 -12.88
N LEU A 246 -13.32 -19.58 -12.43
CA LEU A 246 -14.13 -19.45 -11.23
C LEU A 246 -15.58 -19.91 -11.42
N CYS A 247 -16.18 -19.56 -12.56
CA CYS A 247 -17.49 -20.07 -12.93
C CYS A 247 -17.49 -21.58 -13.15
N GLY A 248 -16.45 -22.08 -13.84
CA GLY A 248 -16.31 -23.53 -14.08
C GLY A 248 -16.26 -24.33 -12.78
N LEU A 249 -15.45 -23.87 -11.82
CA LEU A 249 -15.31 -24.56 -10.52
C LEU A 249 -16.62 -24.58 -9.77
N ARG A 250 -17.29 -23.43 -9.77
CA ARG A 250 -18.54 -23.24 -9.05
C ARG A 250 -19.56 -24.33 -9.46
N VAL A 251 -19.60 -24.63 -10.75
CA VAL A 251 -20.60 -25.56 -11.28
C VAL A 251 -20.11 -27.00 -11.44
N GLY A 252 -18.82 -27.23 -11.19
CA GLY A 252 -18.25 -28.57 -11.32
C GLY A 252 -17.89 -29.03 -12.73
N ALA A 253 -17.71 -28.08 -13.65
CA ALA A 253 -17.39 -28.45 -15.04
C ALA A 253 -15.93 -28.86 -15.16
N ALA A 254 -15.60 -29.57 -16.24
CA ALA A 254 -14.22 -29.90 -16.51
C ALA A 254 -13.60 -28.70 -17.23
N ILE A 255 -12.35 -28.40 -16.93
CA ILE A 255 -11.68 -27.21 -17.49
C ILE A 255 -10.43 -27.67 -18.25
N LEU A 256 -10.46 -27.52 -19.57
CA LEU A 256 -9.38 -28.04 -20.42
C LEU A 256 -8.39 -26.94 -20.76
N ILE A 257 -7.17 -27.08 -20.24
CA ILE A 257 -6.19 -26.01 -20.25
C ILE A 257 -5.30 -26.07 -21.49
N MET A 258 -5.30 -24.98 -22.27
CA MET A 258 -4.36 -24.79 -23.39
C MET A 258 -3.43 -23.64 -23.06
N GLN A 259 -2.12 -23.82 -23.25
CA GLN A 259 -1.16 -22.76 -22.94
C GLN A 259 -1.13 -21.68 -24.03
N LYS A 260 -1.40 -22.05 -25.28
CA LYS A 260 -1.26 -21.10 -26.38
C LYS A 260 -2.24 -21.43 -27.50
N PHE A 261 -2.94 -20.41 -28.01
CA PHE A 261 -3.84 -20.61 -29.15
C PHE A 261 -3.08 -20.94 -30.43
N ASP A 262 -3.45 -22.06 -31.02
CA ASP A 262 -2.96 -22.51 -32.32
C ASP A 262 -4.19 -23.11 -32.99
N ILE A 263 -4.53 -22.66 -34.19
CA ILE A 263 -5.78 -23.08 -34.85
C ILE A 263 -5.93 -24.61 -35.02
N VAL A 264 -4.84 -25.29 -35.36
CA VAL A 264 -4.85 -26.76 -35.47
C VAL A 264 -5.09 -27.43 -34.10
N SER A 265 -4.20 -27.15 -33.13
CA SER A 265 -4.35 -27.62 -31.74
C SER A 265 -5.75 -27.41 -31.19
N PHE A 266 -6.25 -26.18 -31.37
CA PHE A 266 -7.55 -25.72 -30.92
C PHE A 266 -8.68 -26.65 -31.40
N LEU A 267 -8.73 -26.90 -32.70
CA LEU A 267 -9.74 -27.75 -33.32
C LEU A 267 -9.59 -29.20 -32.88
N GLU A 268 -8.35 -29.68 -32.82
CA GLU A 268 -8.10 -31.06 -32.37
C GLU A 268 -8.58 -31.29 -30.94
N LEU A 269 -8.28 -30.35 -30.03
CA LEU A 269 -8.69 -30.51 -28.62
C LEU A 269 -10.21 -30.44 -28.45
N ILE A 270 -10.87 -29.55 -29.17
CA ILE A 270 -12.34 -29.49 -29.17
C ILE A 270 -12.93 -30.85 -29.56
N GLN A 271 -12.36 -31.45 -30.59
CA GLN A 271 -12.82 -32.76 -31.11
C GLN A 271 -12.45 -33.89 -30.18
N ARG A 272 -11.18 -33.96 -29.77
CA ARG A 272 -10.66 -35.04 -28.90
C ARG A 272 -11.35 -35.07 -27.53
N TYR A 273 -11.56 -33.90 -26.94
CA TYR A 273 -12.11 -33.87 -25.59
C TYR A 273 -13.59 -33.62 -25.56
N LYS A 274 -14.22 -33.53 -26.73
CA LYS A 274 -15.65 -33.21 -26.88
C LYS A 274 -16.04 -31.96 -26.06
N VAL A 275 -15.27 -30.88 -26.23
CA VAL A 275 -15.55 -29.60 -25.58
C VAL A 275 -17.00 -29.15 -25.82
N THR A 276 -17.70 -28.77 -24.76
CA THR A 276 -19.09 -28.31 -24.89
C THR A 276 -19.25 -26.81 -24.71
N ILE A 277 -18.30 -26.17 -24.02
CA ILE A 277 -18.35 -24.72 -23.81
C ILE A 277 -17.12 -24.03 -24.40
N GLY A 278 -17.33 -23.11 -25.33
CA GLY A 278 -16.22 -22.43 -26.02
C GLY A 278 -16.06 -20.94 -25.75
N PRO A 279 -15.28 -20.59 -24.70
CA PRO A 279 -15.05 -19.17 -24.35
C PRO A 279 -13.93 -18.58 -25.20
N PHE A 280 -14.31 -17.72 -26.15
CA PHE A 280 -13.38 -17.21 -27.17
C PHE A 280 -13.26 -15.70 -27.11
N VAL A 281 -12.33 -15.16 -27.90
CA VAL A 281 -12.26 -13.72 -28.11
C VAL A 281 -12.32 -13.42 -29.64
N PRO A 282 -12.50 -12.13 -30.02
CA PRO A 282 -12.60 -11.86 -31.46
C PRO A 282 -11.49 -12.40 -32.38
N PRO A 283 -10.19 -12.39 -31.94
CA PRO A 283 -9.16 -13.01 -32.77
C PRO A 283 -9.37 -14.49 -33.04
N ILE A 284 -9.91 -15.23 -32.08
CA ILE A 284 -10.17 -16.66 -32.29
C ILE A 284 -11.41 -16.85 -33.19
N VAL A 285 -12.45 -16.04 -32.94
CA VAL A 285 -13.64 -16.01 -33.78
C VAL A 285 -13.25 -15.80 -35.25
N LEU A 286 -12.33 -14.87 -35.48
CA LEU A 286 -11.87 -14.49 -36.81
C LEU A 286 -11.08 -15.64 -37.48
N ALA A 287 -10.13 -16.23 -36.75
CA ALA A 287 -9.41 -17.42 -37.21
C ALA A 287 -10.38 -18.53 -37.63
N ILE A 288 -11.46 -18.71 -36.88
CA ILE A 288 -12.47 -19.72 -37.19
C ILE A 288 -13.24 -19.42 -38.50
N ALA A 289 -13.61 -18.15 -38.68
CA ALA A 289 -14.25 -17.69 -39.90
C ALA A 289 -13.35 -17.78 -41.15
N LYS A 290 -12.07 -17.44 -41.00
CA LYS A 290 -11.12 -17.35 -42.13
C LYS A 290 -10.35 -18.64 -42.44
N SER A 291 -10.43 -19.65 -41.57
CA SER A 291 -9.61 -20.85 -41.72
C SER A 291 -10.32 -21.93 -42.55
N PRO A 292 -9.64 -22.42 -43.61
CA PRO A 292 -10.27 -23.41 -44.49
C PRO A 292 -10.41 -24.81 -43.87
N MET A 293 -9.57 -25.12 -42.87
CA MET A 293 -9.56 -26.44 -42.23
C MET A 293 -10.64 -26.71 -41.14
N VAL A 294 -11.42 -25.69 -40.77
CA VAL A 294 -12.46 -25.84 -39.75
C VAL A 294 -13.48 -26.93 -40.12
N ASP A 295 -13.67 -27.13 -41.42
CA ASP A 295 -14.62 -28.13 -41.94
C ASP A 295 -14.18 -29.57 -41.70
N ASP A 296 -12.87 -29.78 -41.61
CA ASP A 296 -12.28 -31.12 -41.42
C ASP A 296 -12.49 -31.73 -40.02
N TYR A 297 -13.21 -31.01 -39.16
CA TYR A 297 -13.32 -31.41 -37.75
C TYR A 297 -14.75 -31.51 -37.26
N ASP A 298 -14.97 -32.50 -36.40
CA ASP A 298 -16.20 -32.67 -35.67
C ASP A 298 -16.19 -31.69 -34.47
N LEU A 299 -16.95 -30.62 -34.61
CA LEU A 299 -17.12 -29.62 -33.56
C LEU A 299 -18.54 -29.62 -33.01
N SER A 300 -19.30 -30.68 -33.29
CA SER A 300 -20.70 -30.76 -32.88
C SER A 300 -20.94 -30.86 -31.37
N SER A 301 -19.91 -31.21 -30.61
CA SER A 301 -20.02 -31.28 -29.14
C SER A 301 -20.25 -29.89 -28.49
N VAL A 302 -19.70 -28.84 -29.10
CA VAL A 302 -19.84 -27.49 -28.58
C VAL A 302 -21.28 -27.02 -28.62
N ARG A 303 -21.81 -26.60 -27.47
CA ARG A 303 -23.20 -26.17 -27.37
C ARG A 303 -23.33 -24.68 -27.01
N THR A 304 -22.24 -24.09 -26.52
CA THR A 304 -22.20 -22.67 -26.20
C THR A 304 -20.89 -22.07 -26.66
N VAL A 305 -20.99 -21.08 -27.54
CA VAL A 305 -19.81 -20.35 -28.00
C VAL A 305 -19.94 -18.90 -27.52
N MET A 306 -18.92 -18.43 -26.79
CA MET A 306 -18.91 -17.06 -26.25
C MET A 306 -17.79 -16.25 -26.84
N SER A 307 -18.04 -14.96 -27.06
CA SER A 307 -17.00 -14.02 -27.36
C SER A 307 -17.15 -12.83 -26.45
N GLY A 308 -16.02 -12.33 -25.96
CA GLY A 308 -15.97 -11.09 -25.19
C GLY A 308 -14.60 -10.41 -25.31
N ALA A 309 -14.42 -9.34 -24.54
CA ALA A 309 -13.13 -8.60 -24.36
C ALA A 309 -12.75 -7.57 -25.44
N ALA A 310 -13.28 -7.71 -26.65
CA ALA A 310 -13.08 -6.71 -27.68
C ALA A 310 -14.30 -6.64 -28.58
N PRO A 311 -14.41 -5.58 -29.40
CA PRO A 311 -15.48 -5.48 -30.40
C PRO A 311 -15.60 -6.67 -31.36
N LEU A 312 -16.84 -7.14 -31.55
CA LEU A 312 -17.18 -8.14 -32.56
C LEU A 312 -18.48 -7.74 -33.24
N GLY A 313 -18.42 -7.50 -34.55
CA GLY A 313 -19.58 -7.09 -35.35
C GLY A 313 -20.54 -8.23 -35.72
N LYS A 314 -21.76 -7.87 -36.12
CA LYS A 314 -22.78 -8.89 -36.43
C LYS A 314 -22.44 -9.84 -37.60
N GLU A 315 -21.71 -9.36 -38.61
CA GLU A 315 -21.41 -10.19 -39.79
C GLU A 315 -20.42 -11.31 -39.49
N LEU A 316 -19.30 -10.98 -38.86
CA LEU A 316 -18.37 -12.01 -38.38
C LEU A 316 -19.06 -12.91 -37.37
N GLU A 317 -19.89 -12.32 -36.49
CA GLU A 317 -20.69 -13.09 -35.53
C GLU A 317 -21.59 -14.10 -36.24
N ASP A 318 -22.32 -13.65 -37.25
CA ASP A 318 -23.16 -14.53 -38.10
C ASP A 318 -22.39 -15.64 -38.83
N THR A 319 -21.23 -15.30 -39.38
CA THR A 319 -20.37 -16.27 -40.07
C THR A 319 -20.03 -17.49 -39.20
N VAL A 320 -19.59 -17.24 -37.97
CA VAL A 320 -19.13 -18.33 -37.11
C VAL A 320 -20.31 -19.12 -36.53
N ARG A 321 -21.44 -18.44 -36.39
CA ARG A 321 -22.70 -19.05 -35.94
C ARG A 321 -23.04 -20.27 -36.81
N ALA A 322 -22.90 -20.11 -38.13
CA ALA A 322 -23.15 -21.17 -39.10
C ALA A 322 -22.16 -22.34 -39.03
N LYS A 323 -20.99 -22.10 -38.43
CA LYS A 323 -19.99 -23.15 -38.25
C LYS A 323 -20.16 -23.94 -36.92
N PHE A 324 -21.12 -23.50 -36.10
CA PHE A 324 -21.60 -24.24 -34.92
C PHE A 324 -23.15 -24.21 -34.84
N PRO A 325 -23.85 -24.82 -35.83
CA PRO A 325 -25.29 -24.56 -35.95
C PRO A 325 -26.14 -25.18 -34.82
N ASN A 326 -25.61 -26.17 -34.11
CA ASN A 326 -26.30 -26.69 -32.91
C ASN A 326 -25.77 -26.09 -31.57
N ALA A 327 -25.11 -24.93 -31.65
CA ALA A 327 -24.62 -24.20 -30.49
C ALA A 327 -25.30 -22.84 -30.34
N LYS A 328 -25.52 -22.42 -29.11
CA LYS A 328 -25.92 -21.04 -28.86
C LYS A 328 -24.66 -20.20 -28.95
N LEU A 329 -24.70 -19.13 -29.73
CA LEU A 329 -23.54 -18.25 -29.89
C LEU A 329 -23.92 -16.81 -29.59
N GLY A 330 -23.00 -16.09 -28.94
CA GLY A 330 -23.20 -14.70 -28.57
C GLY A 330 -22.05 -14.08 -27.80
N GLN A 331 -22.26 -12.84 -27.38
CA GLN A 331 -21.22 -12.03 -26.74
C GLN A 331 -21.57 -11.62 -25.33
N GLY A 332 -20.55 -11.51 -24.49
CA GLY A 332 -20.66 -10.87 -23.20
C GLY A 332 -19.73 -9.68 -23.19
N TYR A 333 -19.92 -8.78 -22.23
CA TYR A 333 -19.13 -7.56 -22.13
C TYR A 333 -18.65 -7.38 -20.70
N GLY A 334 -17.34 -7.15 -20.55
CA GLY A 334 -16.74 -7.00 -19.24
C GLY A 334 -15.53 -6.08 -19.17
N MET A 335 -15.08 -5.88 -17.94
CA MET A 335 -13.93 -5.03 -17.63
C MET A 335 -13.16 -5.64 -16.48
N THR A 336 -11.87 -5.36 -16.43
CA THR A 336 -11.06 -5.71 -15.27
C THR A 336 -11.72 -5.20 -13.98
N GLU A 337 -12.23 -3.98 -14.04
CA GLU A 337 -12.86 -3.30 -12.91
C GLU A 337 -14.20 -3.89 -12.45
N ALA A 338 -14.80 -4.76 -13.27
CA ALA A 338 -16.16 -5.17 -12.97
C ALA A 338 -16.53 -6.62 -13.29
N GLY A 339 -15.63 -7.37 -13.91
CA GLY A 339 -16.03 -8.67 -14.48
C GLY A 339 -17.10 -8.39 -15.53
N PRO A 340 -17.95 -9.39 -15.85
CA PRO A 340 -18.98 -9.10 -16.87
C PRO A 340 -20.06 -8.11 -16.42
N LEU A 341 -20.31 -7.10 -17.27
CA LEU A 341 -21.36 -6.12 -17.06
C LEU A 341 -22.65 -6.58 -17.74
N ALA A 342 -22.50 -7.23 -18.88
CA ALA A 342 -23.63 -7.77 -19.63
C ALA A 342 -23.28 -9.14 -20.22
N MET A 343 -24.29 -10.00 -20.33
CA MET A 343 -24.08 -11.37 -20.76
C MET A 343 -25.23 -11.87 -21.63
N CYS A 344 -24.89 -12.59 -22.69
CA CYS A 344 -25.85 -13.06 -23.68
C CYS A 344 -26.90 -13.97 -23.07
N LEU A 345 -28.18 -13.62 -23.24
CA LEU A 345 -29.25 -14.40 -22.59
C LEU A 345 -29.66 -15.63 -23.40
N ALA A 346 -29.04 -15.79 -24.58
CA ALA A 346 -29.18 -17.06 -25.33
C ALA A 346 -28.43 -18.21 -24.63
N PHE A 347 -27.55 -17.88 -23.70
CA PHE A 347 -26.83 -18.89 -22.91
C PHE A 347 -27.62 -19.37 -21.70
N ALA A 348 -28.75 -18.72 -21.42
CA ALA A 348 -29.59 -19.05 -20.25
C ALA A 348 -30.15 -20.47 -20.32
N LYS A 349 -30.38 -21.08 -19.16
CA LYS A 349 -30.97 -22.42 -19.10
C LYS A 349 -32.32 -22.48 -19.84
N GLU A 350 -33.17 -21.48 -19.62
CA GLU A 350 -34.35 -21.23 -20.46
C GLU A 350 -33.98 -20.01 -21.32
N PRO A 351 -33.47 -20.24 -22.54
CA PRO A 351 -32.87 -19.10 -23.26
C PRO A 351 -33.83 -18.00 -23.71
N PHE A 352 -33.30 -16.80 -23.90
CA PHE A 352 -34.03 -15.70 -24.54
C PHE A 352 -33.49 -15.55 -25.95
N GLU A 353 -34.28 -14.91 -26.81
CA GLU A 353 -33.84 -14.57 -28.15
C GLU A 353 -32.90 -13.38 -28.13
N ILE A 354 -31.93 -13.38 -29.04
CA ILE A 354 -30.92 -12.34 -29.11
C ILE A 354 -30.73 -11.87 -30.56
N LYS A 355 -30.09 -10.71 -30.70
CA LYS A 355 -29.67 -10.17 -31.99
C LYS A 355 -28.15 -10.27 -32.12
N SER A 356 -27.66 -10.54 -33.33
CA SER A 356 -26.22 -10.59 -33.58
C SER A 356 -25.61 -9.21 -33.44
N GLY A 357 -24.43 -9.16 -32.85
CA GLY A 357 -23.73 -7.89 -32.67
C GLY A 357 -23.98 -7.27 -31.30
N ALA A 358 -24.97 -7.78 -30.59
CA ALA A 358 -25.24 -7.32 -29.23
C ALA A 358 -24.18 -7.89 -28.29
N CYS A 359 -23.93 -7.22 -27.16
CA CYS A 359 -22.98 -7.79 -26.20
C CYS A 359 -23.67 -8.22 -24.90
N GLY A 360 -24.97 -8.49 -24.98
CA GLY A 360 -25.71 -9.10 -23.89
C GLY A 360 -26.70 -8.20 -23.18
N THR A 361 -27.28 -8.73 -22.12
CA THR A 361 -28.18 -7.98 -21.27
C THR A 361 -27.47 -7.75 -19.95
N VAL A 362 -27.66 -6.58 -19.35
CA VAL A 362 -27.00 -6.28 -18.09
C VAL A 362 -27.28 -7.44 -17.12
N VAL A 363 -26.27 -7.83 -16.35
CA VAL A 363 -26.40 -8.95 -15.43
C VAL A 363 -27.41 -8.63 -14.36
N ARG A 364 -27.98 -9.67 -13.80
CA ARG A 364 -28.89 -9.52 -12.67
C ARG A 364 -28.15 -9.02 -11.44
N ASN A 365 -28.92 -8.57 -10.45
CA ASN A 365 -28.35 -8.09 -9.21
C ASN A 365 -27.43 -6.90 -9.51
N ALA A 366 -27.89 -6.04 -10.42
CA ALA A 366 -27.13 -4.87 -10.86
C ALA A 366 -28.03 -3.84 -11.51
N GLU A 367 -27.52 -2.63 -11.65
CA GLU A 367 -28.20 -1.55 -12.37
C GLU A 367 -27.28 -0.97 -13.43
N MET A 368 -27.85 -0.63 -14.58
CA MET A 368 -27.11 0.04 -15.63
C MET A 368 -27.82 1.33 -16.00
N LYS A 369 -27.05 2.37 -16.25
CA LYS A 369 -27.57 3.57 -16.90
C LYS A 369 -26.66 3.97 -18.05
N ILE A 370 -27.18 4.81 -18.92
CA ILE A 370 -26.44 5.34 -20.08
C ILE A 370 -26.42 6.87 -19.91
N VAL A 371 -25.23 7.45 -19.81
CA VAL A 371 -25.08 8.85 -19.45
C VAL A 371 -24.56 9.67 -20.63
N ASP A 372 -25.20 10.82 -20.88
CA ASP A 372 -24.74 11.75 -21.91
C ASP A 372 -23.44 12.42 -21.43
N PRO A 373 -22.34 12.23 -22.16
CA PRO A 373 -21.08 12.85 -21.72
C PRO A 373 -21.16 14.37 -21.67
N LYS A 374 -21.92 14.97 -22.60
CA LYS A 374 -22.05 16.44 -22.68
C LYS A 374 -22.86 17.08 -21.53
N THR A 375 -23.77 16.31 -20.94
CA THR A 375 -24.72 16.84 -19.97
C THR A 375 -24.69 16.13 -18.62
N GLY A 376 -24.28 14.87 -18.62
CA GLY A 376 -24.34 14.03 -17.42
C GLY A 376 -25.74 13.51 -17.13
N ASN A 377 -26.64 13.61 -18.10
CA ASN A 377 -28.00 13.06 -17.96
C ASN A 377 -28.09 11.61 -18.37
N SER A 378 -28.81 10.81 -17.60
CA SER A 378 -29.16 9.45 -18.03
C SER A 378 -30.07 9.48 -19.23
N LEU A 379 -29.89 8.51 -20.12
CA LEU A 379 -30.58 8.45 -21.39
C LEU A 379 -31.59 7.31 -21.43
N PRO A 380 -32.63 7.45 -22.28
CA PRO A 380 -33.61 6.39 -22.58
C PRO A 380 -33.03 5.32 -23.49
N ARG A 381 -33.85 4.34 -23.85
CA ARG A 381 -33.45 3.28 -24.79
C ARG A 381 -33.11 3.84 -26.16
N ASN A 382 -32.29 3.12 -26.90
CA ASN A 382 -31.91 3.46 -28.28
C ASN A 382 -31.08 4.73 -28.48
N GLN A 383 -30.44 5.20 -27.40
CA GLN A 383 -29.54 6.34 -27.50
C GLN A 383 -28.17 6.10 -26.89
N SER A 384 -27.17 6.52 -27.63
CA SER A 384 -25.77 6.35 -27.28
C SER A 384 -25.32 7.27 -26.16
N GLY A 385 -24.63 6.69 -25.19
CA GLY A 385 -23.95 7.43 -24.15
C GLY A 385 -22.99 6.51 -23.42
N GLU A 386 -22.39 7.03 -22.35
CA GLU A 386 -21.46 6.28 -21.52
C GLU A 386 -22.19 5.31 -20.61
N ILE A 387 -21.80 4.05 -20.72
CA ILE A 387 -22.29 2.96 -19.89
C ILE A 387 -21.77 3.11 -18.46
N CYS A 388 -22.70 3.05 -17.51
CA CYS A 388 -22.39 3.06 -16.09
C CYS A 388 -23.05 1.85 -15.44
N ILE A 389 -22.40 1.29 -14.41
CA ILE A 389 -22.94 0.11 -13.73
C ILE A 389 -22.78 0.24 -12.24
N ARG A 390 -23.75 -0.29 -11.50
CA ARG A 390 -23.73 -0.30 -10.05
C ARG A 390 -24.11 -1.69 -9.55
N GLY A 391 -23.25 -2.27 -8.73
CA GLY A 391 -23.51 -3.57 -8.10
C GLY A 391 -22.34 -4.04 -7.25
N ASP A 392 -22.54 -5.09 -6.47
CA ASP A 392 -21.53 -5.59 -5.53
C ASP A 392 -20.32 -6.26 -6.23
N GLN A 393 -20.42 -6.46 -7.54
CA GLN A 393 -19.36 -7.14 -8.30
C GLN A 393 -18.20 -6.21 -8.71
N ILE A 394 -18.38 -4.89 -8.58
CA ILE A 394 -17.33 -3.98 -9.03
C ILE A 394 -16.15 -3.95 -8.05
N MET A 395 -14.99 -3.59 -8.57
CA MET A 395 -13.77 -3.51 -7.79
C MET A 395 -13.92 -2.68 -6.51
N LYS A 396 -13.12 -3.01 -5.50
CA LYS A 396 -13.00 -2.18 -4.31
C LYS A 396 -12.37 -0.82 -4.69
N GLY A 397 -11.49 -0.84 -5.69
CA GLY A 397 -10.82 0.36 -6.18
C GLY A 397 -9.47 0.10 -6.78
N TYR A 398 -8.77 1.16 -7.19
CA TYR A 398 -7.39 1.03 -7.65
C TYR A 398 -6.41 1.02 -6.47
N LEU A 399 -5.52 0.03 -6.45
CA LEU A 399 -4.50 -0.08 -5.42
C LEU A 399 -3.65 1.19 -5.30
N ASN A 400 -3.68 1.78 -4.10
CA ASN A 400 -2.93 2.99 -3.74
C ASN A 400 -3.27 4.24 -4.56
N ASP A 401 -4.47 4.26 -5.15
CA ASP A 401 -4.84 5.36 -6.00
C ASP A 401 -6.29 5.82 -5.77
N PRO A 402 -6.57 6.36 -4.57
CA PRO A 402 -7.93 6.77 -4.20
C PRO A 402 -8.52 7.77 -5.17
N GLU A 403 -7.67 8.59 -5.77
CA GLU A 403 -8.13 9.66 -6.63
C GLU A 403 -8.62 9.14 -7.99
N ALA A 404 -7.88 8.21 -8.57
CA ALA A 404 -8.37 7.49 -9.75
C ALA A 404 -9.63 6.69 -9.42
N THR A 405 -9.68 6.12 -8.21
CA THR A 405 -10.88 5.41 -7.75
C THR A 405 -12.09 6.36 -7.71
N ALA A 406 -11.93 7.50 -7.03
CA ALA A 406 -13.02 8.48 -6.86
C ALA A 406 -13.47 9.07 -8.19
N ARG A 407 -12.56 9.11 -9.16
CA ARG A 407 -12.88 9.56 -10.51
C ARG A 407 -13.71 8.53 -11.33
N THR A 408 -13.60 7.25 -10.98
CA THR A 408 -14.19 6.16 -11.79
C THR A 408 -15.47 5.58 -11.17
N ILE A 409 -15.54 5.59 -9.85
CA ILE A 409 -16.71 5.14 -9.12
C ILE A 409 -17.21 6.33 -8.31
N ASP A 410 -18.40 6.82 -8.67
CA ASP A 410 -18.94 8.01 -8.02
C ASP A 410 -19.46 7.68 -6.61
N LYS A 411 -19.89 8.71 -5.88
CA LYS A 411 -20.26 8.58 -4.46
C LYS A 411 -21.52 7.78 -4.26
N GLU A 412 -22.33 7.67 -5.32
CA GLU A 412 -23.53 6.81 -5.32
C GLU A 412 -23.22 5.36 -5.75
N GLY A 413 -21.96 5.07 -6.02
CA GLY A 413 -21.54 3.71 -6.36
C GLY A 413 -21.68 3.32 -7.82
N TRP A 414 -21.77 4.32 -8.70
CA TRP A 414 -21.81 4.09 -10.13
C TRP A 414 -20.38 4.01 -10.66
N LEU A 415 -20.10 2.95 -11.42
CA LEU A 415 -18.85 2.86 -12.14
C LEU A 415 -19.04 3.40 -13.57
N TYR A 416 -18.28 4.43 -13.91
CA TYR A 416 -18.31 5.00 -15.24
C TYR A 416 -17.29 4.24 -16.07
N THR A 417 -17.75 3.61 -17.14
CA THR A 417 -16.90 2.70 -17.91
C THR A 417 -15.96 3.35 -18.93
N GLY A 418 -16.38 4.46 -19.54
CA GLY A 418 -15.66 5.03 -20.68
C GLY A 418 -16.03 4.34 -22.00
N ASP A 419 -17.04 3.49 -21.95
CA ASP A 419 -17.54 2.81 -23.15
C ASP A 419 -18.84 3.46 -23.61
N ILE A 420 -18.97 3.61 -24.92
CA ILE A 420 -20.18 4.17 -25.49
C ILE A 420 -21.00 3.03 -26.06
N GLY A 421 -22.28 3.03 -25.72
CA GLY A 421 -23.23 2.06 -26.20
C GLY A 421 -24.65 2.50 -25.97
N TYR A 422 -25.59 1.69 -26.41
CA TYR A 422 -27.01 1.97 -26.20
C TYR A 422 -27.72 0.66 -25.86
N ILE A 423 -28.83 0.74 -25.13
CA ILE A 423 -29.67 -0.43 -24.86
C ILE A 423 -30.95 -0.31 -25.67
N ASP A 424 -31.34 -1.38 -26.36
CA ASP A 424 -32.47 -1.34 -27.28
C ASP A 424 -33.81 -1.70 -26.60
N ASP A 425 -34.86 -1.86 -27.40
CA ASP A 425 -36.20 -2.20 -26.90
C ASP A 425 -36.25 -3.56 -26.22
N ASP A 426 -35.36 -4.47 -26.62
CA ASP A 426 -35.29 -5.82 -26.05
C ASP A 426 -34.24 -5.96 -24.93
N ASP A 427 -33.86 -4.83 -24.33
CA ASP A 427 -32.88 -4.78 -23.24
C ASP A 427 -31.53 -5.42 -23.61
N GLU A 428 -31.15 -5.31 -24.88
CA GLU A 428 -29.84 -5.80 -25.34
C GLU A 428 -28.92 -4.60 -25.59
N LEU A 429 -27.72 -4.68 -25.02
CA LEU A 429 -26.70 -3.65 -25.12
C LEU A 429 -25.84 -3.85 -26.35
N PHE A 430 -25.49 -2.74 -26.99
CA PHE A 430 -24.55 -2.71 -28.10
C PHE A 430 -23.45 -1.74 -27.71
N ILE A 431 -22.20 -2.11 -27.95
CA ILE A 431 -21.05 -1.23 -27.74
C ILE A 431 -20.66 -0.63 -29.07
N VAL A 432 -20.45 0.68 -29.10
CA VAL A 432 -20.01 1.31 -30.35
C VAL A 432 -18.47 1.38 -30.41
N ASP A 433 -17.84 1.75 -29.30
CA ASP A 433 -16.37 1.84 -29.18
C ASP A 433 -16.04 2.62 -27.89
N ARG A 434 -14.77 2.56 -27.44
CA ARG A 434 -14.33 3.40 -26.31
C ARG A 434 -14.53 4.84 -26.69
N LEU A 435 -15.04 5.62 -25.75
CA LEU A 435 -15.24 7.05 -25.96
C LEU A 435 -14.01 7.63 -26.64
N LYS A 436 -12.84 7.43 -26.05
CA LYS A 436 -11.61 8.09 -26.50
C LYS A 436 -11.02 7.58 -27.83
N GLU A 437 -11.52 6.46 -28.33
CA GLU A 437 -11.02 5.89 -29.59
C GLU A 437 -11.73 6.45 -30.82
N LEU A 438 -12.80 7.23 -30.62
CA LEU A 438 -13.55 7.80 -31.72
C LEU A 438 -12.71 8.80 -32.49
N ILE A 439 -12.71 8.68 -33.81
CA ILE A 439 -11.98 9.61 -34.66
C ILE A 439 -12.84 10.83 -34.95
N LYS A 440 -12.29 12.01 -34.68
CA LYS A 440 -12.95 13.27 -35.05
C LYS A 440 -12.51 13.71 -36.45
N TYR A 441 -13.46 13.64 -37.37
CA TYR A 441 -13.21 14.04 -38.75
C TYR A 441 -14.20 15.13 -39.09
N LYS A 442 -13.67 16.29 -39.43
CA LYS A 442 -14.44 17.54 -39.41
C LYS A 442 -15.08 17.61 -38.03
N GLY A 443 -16.41 17.54 -37.95
CA GLY A 443 -17.13 17.47 -36.68
C GLY A 443 -17.96 16.19 -36.53
N PHE A 444 -17.57 15.15 -37.25
CA PHE A 444 -18.20 13.82 -37.13
C PHE A 444 -17.36 12.89 -36.27
N GLN A 445 -18.04 12.02 -35.53
CA GLN A 445 -17.40 10.94 -34.81
C GLN A 445 -17.41 9.71 -35.70
N VAL A 446 -16.23 9.15 -35.97
CA VAL A 446 -16.12 7.88 -36.68
C VAL A 446 -15.66 6.79 -35.69
N ALA A 447 -16.39 5.68 -35.63
CA ALA A 447 -16.03 4.55 -34.78
C ALA A 447 -15.12 3.57 -35.54
N PRO A 448 -13.87 3.37 -35.08
CA PRO A 448 -12.94 2.43 -35.71
C PRO A 448 -13.50 1.02 -35.88
N ALA A 449 -14.25 0.52 -34.89
CA ALA A 449 -14.78 -0.88 -34.92
C ALA A 449 -15.78 -1.14 -36.04
N GLU A 450 -16.57 -0.11 -36.38
CA GLU A 450 -17.50 -0.21 -37.51
C GLU A 450 -16.77 -0.49 -38.83
N LEU A 451 -15.66 0.20 -39.04
CA LEU A 451 -14.88 0.04 -40.26
C LEU A 451 -14.00 -1.20 -40.22
N GLU A 452 -13.52 -1.57 -39.04
CA GLU A 452 -12.81 -2.85 -38.92
C GLU A 452 -13.71 -4.01 -39.32
N ALA A 453 -14.97 -3.97 -38.88
CA ALA A 453 -15.93 -5.02 -39.20
C ALA A 453 -16.16 -5.18 -40.71
N LEU A 454 -16.33 -4.07 -41.43
CA LEU A 454 -16.46 -4.13 -42.89
C LEU A 454 -15.21 -4.68 -43.55
N LEU A 455 -14.03 -4.26 -43.08
CA LEU A 455 -12.77 -4.79 -43.62
C LEU A 455 -12.69 -6.32 -43.49
N LEU A 456 -13.07 -6.85 -42.32
CA LEU A 456 -13.00 -8.29 -42.04
C LEU A 456 -13.98 -9.08 -42.89
N ASN A 457 -14.95 -8.39 -43.48
CA ASN A 457 -15.87 -8.97 -44.46
C ASN A 457 -15.22 -9.36 -45.78
N HIS A 458 -14.15 -8.66 -46.15
CA HIS A 458 -13.49 -8.93 -47.42
C HIS A 458 -12.78 -10.28 -47.40
N PRO A 459 -13.06 -11.14 -48.40
CA PRO A 459 -12.44 -12.46 -48.49
C PRO A 459 -10.92 -12.46 -48.60
N ASN A 460 -10.32 -11.33 -48.99
CA ASN A 460 -8.87 -11.26 -49.17
C ASN A 460 -8.13 -10.52 -48.06
N ILE A 461 -8.83 -10.23 -46.97
CA ILE A 461 -8.26 -9.58 -45.80
C ILE A 461 -8.39 -10.56 -44.65
N SER A 462 -7.27 -10.90 -44.02
CA SER A 462 -7.35 -11.84 -42.90
C SER A 462 -7.43 -11.14 -41.53
N ASP A 463 -7.08 -9.85 -41.50
CA ASP A 463 -7.05 -9.09 -40.26
C ASP A 463 -6.89 -7.61 -40.59
N ALA A 464 -7.36 -6.75 -39.68
CA ALA A 464 -7.34 -5.30 -39.91
C ALA A 464 -7.48 -4.52 -38.62
N ALA A 465 -7.02 -3.26 -38.66
CA ALA A 465 -7.25 -2.32 -37.58
C ALA A 465 -7.44 -0.91 -38.18
N VAL A 466 -8.19 -0.07 -37.50
CA VAL A 466 -8.40 1.29 -37.95
C VAL A 466 -7.99 2.24 -36.82
N VAL A 467 -7.12 3.18 -37.12
CA VAL A 467 -6.73 4.19 -36.15
C VAL A 467 -6.73 5.56 -36.82
N PRO A 468 -6.80 6.64 -36.01
CA PRO A 468 -6.67 7.95 -36.63
C PRO A 468 -5.23 8.23 -37.03
N MET A 469 -5.07 9.05 -38.07
CA MET A 469 -3.78 9.57 -38.49
C MET A 469 -3.89 11.07 -38.49
N LYS A 470 -2.81 11.75 -38.08
CA LYS A 470 -2.81 13.22 -38.08
C LYS A 470 -2.86 13.69 -39.52
N ASP A 471 -3.81 14.57 -39.81
CA ASP A 471 -3.90 15.15 -41.14
C ASP A 471 -3.87 16.68 -41.07
N GLU A 472 -2.90 17.24 -41.80
CA GLU A 472 -2.61 18.68 -41.85
C GLU A 472 -3.85 19.58 -41.99
N GLN A 473 -4.76 19.20 -42.89
CA GLN A 473 -5.97 19.98 -43.19
C GLN A 473 -7.27 19.36 -42.67
N ALA A 474 -7.19 18.22 -42.01
CA ALA A 474 -8.38 17.54 -41.50
C ALA A 474 -8.34 17.37 -40.00
N GLY A 475 -7.14 17.44 -39.43
CA GLY A 475 -6.91 17.15 -38.01
C GLY A 475 -6.60 15.68 -37.90
N GLU A 476 -7.64 14.85 -38.02
CA GLU A 476 -7.47 13.40 -38.04
C GLU A 476 -8.25 12.79 -39.20
N VAL A 477 -7.64 11.81 -39.85
CA VAL A 477 -8.35 10.96 -40.81
C VAL A 477 -8.28 9.48 -40.40
N PRO A 478 -9.29 8.66 -40.77
CA PRO A 478 -9.21 7.23 -40.52
C PRO A 478 -8.27 6.55 -41.51
N VAL A 479 -7.38 5.72 -40.98
CA VAL A 479 -6.50 4.86 -41.80
C VAL A 479 -6.63 3.42 -41.33
N ALA A 480 -6.29 2.47 -42.22
CA ALA A 480 -6.38 1.06 -41.91
C ALA A 480 -5.03 0.36 -42.07
N PHE A 481 -4.74 -0.53 -41.12
CA PHE A 481 -3.66 -1.48 -41.24
C PHE A 481 -4.34 -2.79 -41.61
N VAL A 482 -3.80 -3.47 -42.62
CA VAL A 482 -4.48 -4.63 -43.21
C VAL A 482 -3.49 -5.78 -43.42
N VAL A 483 -3.95 -7.00 -43.17
CA VAL A 483 -3.18 -8.21 -43.41
C VAL A 483 -3.86 -8.92 -44.58
N ARG A 484 -3.15 -9.12 -45.67
CA ARG A 484 -3.70 -9.76 -46.85
C ARG A 484 -3.87 -11.26 -46.60
N SER A 485 -4.92 -11.85 -47.16
CA SER A 485 -5.02 -13.30 -47.15
C SER A 485 -3.86 -13.89 -47.94
N ASN A 486 -3.36 -15.05 -47.49
CA ASN A 486 -2.26 -15.72 -48.19
C ASN A 486 -2.44 -15.66 -49.70
N GLY A 487 -1.43 -15.16 -50.41
CA GLY A 487 -1.46 -15.13 -51.87
C GLY A 487 -2.04 -13.86 -52.48
N SER A 488 -3.12 -13.34 -51.89
CA SER A 488 -3.81 -12.15 -52.39
C SER A 488 -2.89 -10.96 -52.66
N THR A 489 -3.20 -10.20 -53.70
CA THR A 489 -2.39 -9.05 -54.08
C THR A 489 -3.15 -7.75 -53.88
N ILE A 490 -4.35 -7.84 -53.31
CA ILE A 490 -5.24 -6.69 -53.12
C ILE A 490 -4.50 -5.39 -52.81
N THR A 491 -4.92 -4.31 -53.46
CA THR A 491 -4.22 -3.04 -53.37
C THR A 491 -4.86 -2.07 -52.37
N GLU A 492 -4.17 -0.96 -52.11
CA GLU A 492 -4.67 0.10 -51.23
C GLU A 492 -5.95 0.73 -51.76
N ASP A 493 -6.02 0.93 -53.07
CA ASP A 493 -7.18 1.58 -53.69
C ASP A 493 -8.40 0.67 -53.73
N GLU A 494 -8.17 -0.62 -53.94
CA GLU A 494 -9.22 -1.62 -53.88
C GLU A 494 -9.85 -1.70 -52.49
N VAL A 495 -9.01 -1.58 -51.44
CA VAL A 495 -9.50 -1.61 -50.07
C VAL A 495 -10.27 -0.34 -49.76
N LYS A 496 -9.68 0.80 -50.13
CA LYS A 496 -10.35 2.10 -49.99
C LYS A 496 -11.70 2.17 -50.71
N ASP A 497 -11.74 1.72 -51.97
CA ASP A 497 -12.99 1.62 -52.77
C ASP A 497 -14.02 0.70 -52.13
N PHE A 498 -13.59 -0.50 -51.77
CA PHE A 498 -14.43 -1.48 -51.06
C PHE A 498 -15.13 -0.86 -49.87
N ILE A 499 -14.38 -0.08 -49.09
CA ILE A 499 -14.96 0.65 -47.96
C ILE A 499 -15.86 1.80 -48.44
N SER A 500 -15.34 2.62 -49.33
CA SER A 500 -16.03 3.83 -49.80
C SER A 500 -17.45 3.56 -50.35
N LYS A 501 -17.61 2.47 -51.10
CA LYS A 501 -18.93 2.12 -51.67
C LYS A 501 -20.00 1.74 -50.67
N GLN A 502 -19.59 1.44 -49.43
CA GLN A 502 -20.54 1.00 -48.40
C GLN A 502 -20.89 2.06 -47.35
N VAL A 503 -20.13 3.14 -47.29
CA VAL A 503 -20.26 4.10 -46.19
C VAL A 503 -20.49 5.53 -46.63
N ILE A 504 -21.18 6.28 -45.77
CA ILE A 504 -21.27 7.74 -45.87
C ILE A 504 -19.85 8.33 -45.88
N PHE A 505 -19.67 9.46 -46.59
CA PHE A 505 -18.35 9.98 -46.97
C PHE A 505 -17.36 10.20 -45.83
N TYR A 506 -17.84 10.61 -44.67
CA TYR A 506 -16.92 10.93 -43.55
C TYR A 506 -16.30 9.68 -42.90
N LYS A 507 -16.80 8.51 -43.25
CA LYS A 507 -16.29 7.25 -42.71
C LYS A 507 -15.23 6.64 -43.60
N ARG A 508 -14.96 7.30 -44.72
CA ARG A 508 -13.98 6.78 -45.66
C ARG A 508 -12.60 6.64 -45.03
N ILE A 509 -11.89 5.60 -45.49
CA ILE A 509 -10.50 5.33 -45.14
C ILE A 509 -9.58 6.09 -46.11
N LYS A 510 -8.63 6.84 -45.57
CA LYS A 510 -7.71 7.67 -46.38
C LYS A 510 -6.40 7.00 -46.81
N ARG A 511 -5.89 6.07 -45.99
CA ARG A 511 -4.68 5.31 -46.31
C ARG A 511 -4.83 3.88 -45.83
N VAL A 512 -4.18 2.95 -46.53
CA VAL A 512 -4.11 1.57 -46.10
C VAL A 512 -2.64 1.20 -46.05
N PHE A 513 -2.18 0.79 -44.87
CA PHE A 513 -0.82 0.30 -44.70
C PHE A 513 -0.89 -1.21 -44.50
N PHE A 514 -0.15 -1.95 -45.31
CA PHE A 514 -0.19 -3.42 -45.28
C PHE A 514 0.92 -3.98 -44.40
N VAL A 515 0.55 -4.94 -43.55
CA VAL A 515 1.47 -5.52 -42.56
C VAL A 515 1.33 -7.04 -42.49
N ASP A 516 2.28 -7.68 -41.82
CA ASP A 516 2.26 -9.14 -41.60
C ASP A 516 1.28 -9.57 -40.52
N ALA A 517 1.07 -8.70 -39.52
CA ALA A 517 0.23 -9.00 -38.36
C ALA A 517 -0.25 -7.72 -37.70
N ILE A 518 -1.46 -7.79 -37.15
CA ILE A 518 -2.02 -6.73 -36.33
C ILE A 518 -1.60 -6.99 -34.86
N PRO A 519 -1.01 -6.00 -34.17
CA PRO A 519 -0.65 -6.25 -32.77
C PRO A 519 -1.89 -6.38 -31.90
N LYS A 520 -1.94 -7.46 -31.12
CA LYS A 520 -3.07 -7.74 -30.23
C LYS A 520 -2.64 -8.27 -28.86
N SER A 521 -3.23 -7.72 -27.80
CA SER A 521 -3.13 -8.27 -26.44
C SER A 521 -3.51 -9.76 -26.41
N PRO A 522 -2.99 -10.51 -25.41
CA PRO A 522 -3.43 -11.88 -25.20
C PRO A 522 -4.92 -12.01 -24.87
N SER A 523 -5.55 -10.92 -24.44
CA SER A 523 -6.98 -10.92 -24.14
C SER A 523 -7.82 -10.70 -25.38
N GLY A 524 -7.16 -10.36 -26.49
CA GLY A 524 -7.83 -10.27 -27.78
C GLY A 524 -8.14 -8.87 -28.27
N LYS A 525 -7.47 -7.88 -27.72
CA LYS A 525 -7.71 -6.48 -28.07
C LYS A 525 -6.68 -6.02 -29.07
N ILE A 526 -7.09 -5.15 -29.99
CA ILE A 526 -6.15 -4.53 -30.91
C ILE A 526 -5.30 -3.55 -30.12
N LEU A 527 -3.98 -3.68 -30.23
CA LEU A 527 -3.08 -2.73 -29.58
C LEU A 527 -3.04 -1.48 -30.43
N ARG A 528 -4.07 -0.67 -30.28
CA ARG A 528 -4.30 0.52 -31.11
C ARG A 528 -3.21 1.56 -30.90
N LYS A 529 -2.66 1.61 -29.68
CA LYS A 529 -1.62 2.57 -29.34
C LYS A 529 -0.28 2.27 -30.00
N ASP A 530 0.02 0.99 -30.20
CA ASP A 530 1.24 0.59 -30.93
C ASP A 530 1.18 1.04 -32.39
N LEU A 531 0.00 0.95 -33.01
CA LEU A 531 -0.21 1.41 -34.39
C LEU A 531 -0.11 2.92 -34.54
N ARG A 532 -0.69 3.67 -33.59
CA ARG A 532 -0.56 5.12 -33.54
C ARG A 532 0.92 5.55 -33.44
N ALA A 533 1.72 4.80 -32.68
CA ALA A 533 3.16 5.01 -32.58
C ALA A 533 3.82 4.78 -33.93
N LYS A 534 3.54 3.63 -34.56
CA LYS A 534 3.88 3.41 -35.98
C LYS A 534 3.21 4.46 -36.86
N VAL B 8 -16.67 -5.38 29.89
CA VAL B 8 -16.56 -3.96 29.42
C VAL B 8 -15.17 -3.44 29.81
N ASP B 9 -14.61 -2.55 29.00
CA ASP B 9 -13.26 -2.03 29.22
C ASP B 9 -13.24 -0.87 30.23
N ILE B 10 -12.22 -0.83 31.08
CA ILE B 10 -11.98 0.33 31.93
C ILE B 10 -11.08 1.32 31.18
N ILE B 11 -11.68 2.41 30.74
CA ILE B 11 -11.02 3.34 29.83
C ILE B 11 -10.67 4.66 30.55
N PHE B 12 -9.43 5.10 30.40
CA PHE B 12 -8.98 6.39 30.92
C PHE B 12 -8.88 7.45 29.82
N ARG B 13 -9.18 8.70 30.17
CA ARG B 13 -9.15 9.81 29.23
C ARG B 13 -8.49 11.02 29.91
N SER B 14 -8.30 12.08 29.15
CA SER B 14 -7.59 13.25 29.64
C SER B 14 -8.41 14.01 30.67
N LYS B 15 -7.73 14.79 31.51
CA LYS B 15 -8.40 15.73 32.40
C LYS B 15 -8.87 16.95 31.62
N LEU B 16 -8.37 17.11 30.40
CA LEU B 16 -8.82 18.15 29.49
C LEU B 16 -10.02 17.66 28.67
N PRO B 17 -10.92 18.58 28.25
CA PRO B 17 -12.01 18.09 27.39
C PRO B 17 -11.50 17.88 25.97
N ASP B 18 -12.15 16.98 25.23
CA ASP B 18 -11.92 16.84 23.80
C ASP B 18 -12.09 18.17 23.07
N ILE B 19 -11.30 18.35 22.01
CA ILE B 19 -11.38 19.54 21.17
C ILE B 19 -11.74 19.19 19.73
N TYR B 20 -12.04 20.23 18.95
CA TYR B 20 -12.12 20.10 17.50
C TYR B 20 -10.71 20.02 16.91
N ILE B 21 -10.52 19.04 16.03
CA ILE B 21 -9.25 18.88 15.33
C ILE B 21 -9.55 18.94 13.83
N PRO B 22 -8.94 19.91 13.11
CA PRO B 22 -9.25 20.04 11.69
C PRO B 22 -8.48 19.01 10.85
N ASN B 23 -8.65 17.74 11.18
CA ASN B 23 -7.85 16.66 10.59
C ASN B 23 -8.15 16.34 9.12
N HIS B 24 -9.01 17.14 8.50
CA HIS B 24 -9.20 17.12 7.05
C HIS B 24 -8.14 17.96 6.32
N LEU B 25 -7.38 18.77 7.06
CA LEU B 25 -6.37 19.64 6.46
C LEU B 25 -5.05 18.91 6.24
N PRO B 26 -4.42 19.14 5.08
CA PRO B 26 -3.08 18.60 4.89
C PRO B 26 -2.12 19.15 5.95
N LEU B 27 -1.10 18.38 6.30
CA LEU B 27 -0.17 18.74 7.36
C LEU B 27 0.39 20.14 7.19
N HIS B 28 0.83 20.48 5.98
CA HIS B 28 1.34 21.83 5.73
C HIS B 28 0.25 22.93 5.87
N SER B 29 -0.95 22.64 5.39
CA SER B 29 -2.06 23.60 5.48
C SER B 29 -2.41 23.89 6.95
N TYR B 30 -2.32 22.83 7.76
CA TYR B 30 -2.59 22.90 9.19
C TYR B 30 -1.48 23.65 9.97
N CYS B 31 -0.22 23.25 9.75
CA CYS B 31 0.90 23.89 10.43
C CYS B 31 1.01 25.37 10.09
N PHE B 32 0.65 25.74 8.86
CA PHE B 32 0.75 27.14 8.44
C PHE B 32 -0.60 27.88 8.51
N GLU B 33 -1.57 27.33 9.24
CA GLU B 33 -2.95 27.84 9.17
C GLU B 33 -3.05 29.28 9.60
N ASN B 34 -2.32 29.60 10.67
CA ASN B 34 -2.35 30.93 11.26
C ASN B 34 -1.13 31.73 10.94
N ILE B 35 -0.38 31.31 9.91
CA ILE B 35 0.90 31.95 9.58
C ILE B 35 0.82 33.48 9.40
N SER B 36 -0.30 33.99 8.88
CA SER B 36 -0.40 35.43 8.63
C SER B 36 -0.27 36.25 9.92
N GLU B 37 -0.65 35.68 11.06
CA GLU B 37 -0.51 36.31 12.37
C GLU B 37 0.93 36.42 12.89
N PHE B 38 1.87 35.70 12.27
CA PHE B 38 3.24 35.75 12.75
C PHE B 38 4.31 35.65 11.66
N SER B 39 3.95 36.02 10.44
CA SER B 39 4.78 35.73 9.27
C SER B 39 6.15 36.38 9.29
N SER B 40 6.29 37.49 10.01
CA SER B 40 7.61 38.13 10.14
C SER B 40 8.43 37.67 11.36
N ARG B 41 7.81 36.87 12.24
CA ARG B 41 8.51 36.32 13.40
C ARG B 41 9.57 35.28 12.97
N PRO B 42 10.64 35.11 13.79
CA PRO B 42 11.61 34.07 13.46
C PRO B 42 11.01 32.65 13.57
N CYS B 43 11.46 31.77 12.68
CA CYS B 43 10.90 30.43 12.62
C CYS B 43 11.99 29.39 12.78
N LEU B 44 12.98 29.43 11.91
CA LEU B 44 14.12 28.53 12.03
C LEU B 44 15.35 29.38 12.30
N ILE B 45 16.01 29.11 13.41
CA ILE B 45 17.30 29.73 13.72
C ILE B 45 18.38 28.66 13.69
N ASN B 46 19.28 28.78 12.73
CA ASN B 46 20.44 27.91 12.66
C ASN B 46 21.52 28.42 13.61
N GLY B 47 21.71 27.70 14.71
CA GLY B 47 22.72 28.05 15.69
C GLY B 47 24.15 28.01 15.17
N ALA B 48 24.41 27.23 14.12
CA ALA B 48 25.78 27.07 13.63
C ALA B 48 26.31 28.31 12.90
N ASN B 49 25.46 28.97 12.12
CA ASN B 49 25.88 30.11 11.30
C ASN B 49 25.12 31.41 11.55
N LYS B 50 24.23 31.41 12.55
CA LYS B 50 23.45 32.60 12.92
C LYS B 50 22.48 33.06 11.82
N GLN B 51 22.00 32.14 11.00
CA GLN B 51 20.99 32.47 10.01
C GLN B 51 19.59 32.33 10.61
N ILE B 52 18.70 33.26 10.28
CA ILE B 52 17.30 33.16 10.68
C ILE B 52 16.41 33.14 9.44
N TYR B 53 15.47 32.20 9.39
CA TYR B 53 14.41 32.23 8.40
C TYR B 53 13.13 32.62 9.15
N THR B 54 12.36 33.55 8.60
CA THR B 54 11.08 33.94 9.20
C THR B 54 10.07 32.90 8.78
N TYR B 55 8.87 32.96 9.38
CA TYR B 55 7.78 32.07 9.01
C TYR B 55 7.47 32.21 7.51
N ALA B 56 7.35 33.45 7.05
CA ALA B 56 7.15 33.74 5.63
C ALA B 56 8.19 33.04 4.76
N ASP B 57 9.46 33.13 5.16
CA ASP B 57 10.59 32.49 4.48
C ASP B 57 10.48 30.96 4.45
N VAL B 58 9.99 30.37 5.54
CA VAL B 58 9.99 28.93 5.66
C VAL B 58 8.93 28.35 4.74
N GLU B 59 7.75 28.97 4.74
CA GLU B 59 6.71 28.66 3.76
C GLU B 59 7.20 28.87 2.33
N LEU B 60 7.83 30.02 2.04
CA LEU B 60 8.39 30.28 0.71
C LEU B 60 9.38 29.20 0.26
N ASN B 61 10.40 28.94 1.08
CA ASN B 61 11.38 27.89 0.77
C ASN B 61 10.80 26.48 0.68
N SER B 62 9.85 26.16 1.56
CA SER B 62 9.14 24.91 1.53
C SER B 62 8.36 24.74 0.21
N ARG B 63 7.63 25.79 -0.21
CA ARG B 63 6.93 25.79 -1.52
C ARG B 63 7.86 25.60 -2.73
N LYS B 64 8.95 26.36 -2.76
CA LYS B 64 9.96 26.28 -3.82
C LYS B 64 10.55 24.88 -3.94
N VAL B 65 10.87 24.30 -2.79
CA VAL B 65 11.40 22.94 -2.71
C VAL B 65 10.35 21.94 -3.23
N ALA B 66 9.08 22.13 -2.88
CA ALA B 66 8.01 21.31 -3.48
C ALA B 66 8.02 21.41 -5.02
N ALA B 67 8.08 22.63 -5.54
CA ALA B 67 8.07 22.82 -6.99
C ALA B 67 9.29 22.15 -7.61
N GLY B 68 10.44 22.27 -6.93
CA GLY B 68 11.69 21.61 -7.34
C GLY B 68 11.62 20.08 -7.38
N LEU B 69 11.14 19.48 -6.30
CA LEU B 69 10.99 18.01 -6.26
C LEU B 69 10.05 17.50 -7.34
N HIS B 70 8.98 18.25 -7.61
CA HIS B 70 8.10 17.92 -8.71
C HIS B 70 8.90 17.83 -10.03
N LYS B 71 9.74 18.83 -10.29
CA LYS B 71 10.54 18.88 -11.51
C LYS B 71 11.54 17.71 -11.61
N GLN B 72 12.01 17.24 -10.45
CA GLN B 72 12.88 16.08 -10.37
C GLN B 72 12.12 14.73 -10.44
N GLY B 73 10.81 14.77 -10.64
CA GLY B 73 10.04 13.53 -10.85
C GLY B 73 9.20 13.04 -9.67
N ILE B 74 9.23 13.75 -8.55
CA ILE B 74 8.42 13.36 -7.38
C ILE B 74 6.92 13.58 -7.60
N GLN B 75 6.16 12.47 -7.61
CA GLN B 75 4.69 12.48 -7.79
C GLN B 75 3.97 12.20 -6.46
N PRO B 76 2.65 12.48 -6.38
CA PRO B 76 1.89 12.05 -5.19
C PRO B 76 2.13 10.58 -4.84
N LYS B 77 2.28 10.30 -3.54
CA LYS B 77 2.57 8.96 -3.00
C LYS B 77 3.97 8.41 -3.26
N ASP B 78 4.81 9.18 -3.96
CA ASP B 78 6.24 8.88 -4.07
C ASP B 78 6.95 9.20 -2.75
N THR B 79 8.15 8.65 -2.59
CA THR B 79 8.94 8.79 -1.36
C THR B 79 10.32 9.38 -1.60
N ILE B 80 10.72 10.28 -0.70
CA ILE B 80 12.09 10.77 -0.65
C ILE B 80 12.70 10.39 0.69
N MET B 81 14.01 10.19 0.73
CA MET B 81 14.67 9.89 1.98
C MET B 81 15.42 11.12 2.47
N ILE B 82 15.21 11.47 3.74
CA ILE B 82 15.99 12.55 4.32
C ILE B 82 17.07 11.93 5.17
N LEU B 83 18.31 12.20 4.79
CA LEU B 83 19.48 11.65 5.50
C LEU B 83 20.37 12.81 5.95
N LEU B 84 19.89 13.55 6.96
CA LEU B 84 20.44 14.83 7.36
C LEU B 84 20.44 15.06 8.87
N PRO B 85 21.45 15.80 9.37
CA PRO B 85 21.45 16.35 10.74
C PRO B 85 20.39 17.44 10.83
N ASN B 86 20.01 17.85 12.03
CA ASN B 86 19.08 18.99 12.14
C ASN B 86 19.58 20.16 11.30
N SER B 87 18.71 20.74 10.49
CA SER B 87 19.08 21.77 9.50
C SER B 87 17.83 22.38 8.90
N PRO B 88 17.91 23.61 8.36
CA PRO B 88 16.75 24.15 7.63
C PRO B 88 16.29 23.22 6.49
N GLU B 89 17.24 22.62 5.78
CA GLU B 89 16.97 21.81 4.60
C GLU B 89 16.14 20.56 4.92
N PHE B 90 16.35 19.98 6.10
CA PHE B 90 15.49 18.93 6.61
C PHE B 90 14.05 19.39 6.56
N VAL B 91 13.79 20.56 7.14
CA VAL B 91 12.44 21.14 7.22
C VAL B 91 11.88 21.43 5.85
N PHE B 92 12.67 22.11 5.00
CA PHE B 92 12.18 22.47 3.67
C PHE B 92 11.87 21.22 2.85
N ALA B 93 12.67 20.17 3.02
CA ALA B 93 12.46 18.92 2.28
C ALA B 93 11.20 18.22 2.77
N PHE B 94 11.07 18.12 4.10
CA PHE B 94 9.93 17.44 4.72
C PHE B 94 8.59 18.12 4.35
N ILE B 95 8.53 19.45 4.49
CA ILE B 95 7.30 20.19 4.18
C ILE B 95 7.06 20.23 2.66
N GLY B 96 8.14 20.38 1.90
CA GLY B 96 8.07 20.34 0.43
C GLY B 96 7.40 19.07 -0.10
N ALA B 97 7.80 17.93 0.43
CA ALA B 97 7.20 16.63 0.05
C ALA B 97 5.70 16.58 0.39
N SER B 98 5.34 17.16 1.54
CA SER B 98 3.97 17.27 2.00
C SER B 98 3.09 18.02 0.99
N TYR B 99 3.60 19.12 0.45
CA TYR B 99 2.91 19.90 -0.61
C TYR B 99 2.58 19.08 -1.87
N LEU B 100 3.38 18.04 -2.12
CA LEU B 100 3.21 17.19 -3.29
C LEU B 100 2.30 16.00 -3.05
N GLY B 101 1.83 15.81 -1.80
CA GLY B 101 1.13 14.59 -1.42
C GLY B 101 2.09 13.41 -1.44
N ALA B 102 3.37 13.73 -1.19
CA ALA B 102 4.47 12.76 -1.20
C ALA B 102 4.90 12.42 0.23
N ILE B 103 5.90 11.55 0.37
CA ILE B 103 6.27 10.97 1.67
C ILE B 103 7.74 11.21 1.94
N SER B 104 8.05 11.58 3.18
CA SER B 104 9.43 11.63 3.65
C SER B 104 9.74 10.49 4.59
N THR B 105 10.71 9.66 4.22
CA THR B 105 11.31 8.72 5.17
C THR B 105 12.60 9.36 5.67
N MET B 106 12.82 9.38 6.98
CA MET B 106 13.96 10.09 7.53
C MET B 106 14.86 9.09 8.25
N ALA B 107 16.16 9.30 8.16
CA ALA B 107 17.11 8.35 8.73
C ALA B 107 18.27 9.04 9.43
N ASN B 108 18.84 8.35 10.41
CA ASN B 108 20.09 8.72 11.07
C ASN B 108 21.24 8.83 10.05
N PRO B 109 21.82 10.05 9.89
CA PRO B 109 22.91 10.20 8.90
C PRO B 109 24.16 9.40 9.26
N LEU B 110 24.27 9.03 10.53
CA LEU B 110 25.36 8.17 11.03
C LEU B 110 25.13 6.65 10.82
N PHE B 111 24.05 6.27 10.13
CA PHE B 111 23.79 4.86 9.75
C PHE B 111 24.97 4.28 8.98
N THR B 112 25.20 2.98 9.07
CA THR B 112 26.19 2.33 8.19
C THR B 112 25.66 2.31 6.76
N PRO B 113 26.54 2.06 5.77
CA PRO B 113 26.05 2.05 4.39
C PRO B 113 24.97 0.98 4.16
N ALA B 114 25.13 -0.20 4.76
CA ALA B 114 24.08 -1.24 4.69
C ALA B 114 22.75 -0.74 5.29
N GLU B 115 22.83 -0.11 6.47
CA GLU B 115 21.65 0.43 7.12
C GLU B 115 20.90 1.48 6.29
N VAL B 116 21.62 2.44 5.71
CA VAL B 116 20.99 3.41 4.81
C VAL B 116 20.32 2.73 3.61
N VAL B 117 21.07 1.83 2.96
CA VAL B 117 20.57 1.13 1.78
C VAL B 117 19.34 0.25 2.10
N LYS B 118 19.36 -0.46 3.22
CA LYS B 118 18.16 -1.21 3.64
C LYS B 118 16.94 -0.31 3.66
N GLN B 119 17.04 0.83 4.34
CA GLN B 119 15.90 1.73 4.46
C GLN B 119 15.52 2.35 3.11
N ALA B 120 16.54 2.67 2.30
CA ALA B 120 16.28 3.24 0.98
C ALA B 120 15.44 2.27 0.17
N LYS B 121 15.80 0.99 0.17
CA LYS B 121 15.03 -0.05 -0.56
C LYS B 121 13.64 -0.26 0.02
N ALA B 122 13.58 -0.42 1.34
CA ALA B 122 12.34 -0.78 2.01
C ALA B 122 11.27 0.31 1.87
N SER B 123 11.73 1.57 1.76
CA SER B 123 10.86 2.75 1.62
C SER B 123 10.61 3.18 0.17
N SER B 124 11.36 2.60 -0.77
CA SER B 124 11.31 3.00 -2.19
C SER B 124 11.67 4.45 -2.43
N ALA B 125 12.61 4.97 -1.67
CA ALA B 125 13.06 6.34 -1.87
C ALA B 125 13.50 6.57 -3.33
N LYS B 126 12.97 7.59 -3.98
CA LYS B 126 13.37 7.94 -5.35
C LYS B 126 14.45 9.03 -5.33
N ILE B 127 14.58 9.72 -4.20
CA ILE B 127 15.57 10.77 -4.00
C ILE B 127 16.12 10.65 -2.58
N ILE B 128 17.43 10.76 -2.45
CA ILE B 128 18.06 10.85 -1.13
C ILE B 128 18.64 12.25 -0.94
N VAL B 129 18.17 12.97 0.08
CA VAL B 129 18.68 14.30 0.41
C VAL B 129 19.67 14.16 1.54
N THR B 130 20.92 14.53 1.28
CA THR B 130 21.97 14.29 2.26
C THR B 130 23.09 15.33 2.18
N GLN B 131 24.20 15.05 2.87
CA GLN B 131 25.41 15.86 2.79
C GLN B 131 26.48 15.08 2.00
N ALA B 132 27.39 15.81 1.35
CA ALA B 132 28.48 15.22 0.55
C ALA B 132 29.21 14.11 1.32
N CYS B 133 29.52 14.39 2.58
CA CYS B 133 30.25 13.46 3.44
C CYS B 133 29.61 12.06 3.61
N HIS B 134 28.35 11.90 3.19
CA HIS B 134 27.61 10.62 3.27
C HIS B 134 27.29 10.00 1.91
N VAL B 135 27.70 10.67 0.84
CA VAL B 135 27.43 10.24 -0.53
C VAL B 135 27.94 8.82 -0.86
N ASN B 136 29.12 8.47 -0.35
CA ASN B 136 29.74 7.19 -0.68
C ASN B 136 28.90 6.03 -0.17
N LYS B 137 28.18 6.25 0.93
CA LYS B 137 27.28 5.23 1.50
C LYS B 137 26.21 4.77 0.51
N VAL B 138 25.80 5.68 -0.36
CA VAL B 138 24.64 5.42 -1.21
C VAL B 138 24.89 5.58 -2.71
N LYS B 139 26.06 6.05 -3.08
CA LYS B 139 26.40 6.36 -4.50
C LYS B 139 26.08 5.22 -5.50
N ASP B 140 26.60 4.02 -5.24
CA ASP B 140 26.47 2.92 -6.18
C ASP B 140 25.05 2.43 -6.23
N TYR B 141 24.46 2.22 -5.06
CA TYR B 141 23.06 1.82 -4.96
C TYR B 141 22.17 2.78 -5.78
N ALA B 142 22.33 4.08 -5.58
CA ALA B 142 21.52 5.10 -6.23
C ALA B 142 21.60 5.07 -7.75
N PHE B 143 22.84 5.06 -8.26
CA PHE B 143 23.10 4.98 -9.68
C PHE B 143 22.50 3.73 -10.32
N GLU B 144 22.64 2.58 -9.66
CA GLU B 144 22.12 1.31 -10.16
C GLU B 144 20.59 1.23 -10.12
N ASN B 145 19.97 2.07 -9.30
CA ASN B 145 18.54 2.01 -9.10
C ASN B 145 17.76 3.28 -9.44
N ASP B 146 18.40 4.18 -10.18
CA ASP B 146 17.81 5.47 -10.61
C ASP B 146 17.24 6.29 -9.45
N VAL B 147 18.05 6.44 -8.41
CA VAL B 147 17.69 7.27 -7.28
C VAL B 147 18.59 8.49 -7.36
N LYS B 148 18.00 9.67 -7.35
CA LYS B 148 18.79 10.89 -7.41
C LYS B 148 19.30 11.27 -6.02
N ILE B 149 20.53 11.78 -5.97
CA ILE B 149 21.13 12.19 -4.71
C ILE B 149 21.24 13.70 -4.73
N ILE B 150 20.70 14.33 -3.69
CA ILE B 150 20.72 15.77 -3.61
C ILE B 150 21.47 16.18 -2.35
N CYS B 151 22.51 17.02 -2.52
CA CYS B 151 23.38 17.40 -1.42
C CYS B 151 23.16 18.84 -0.97
N ILE B 152 23.15 19.08 0.34
CA ILE B 152 22.88 20.41 0.86
C ILE B 152 24.12 21.32 0.98
N ASP B 153 25.33 20.76 0.96
CA ASP B 153 26.56 21.57 1.08
C ASP B 153 27.32 21.72 -0.24
N SER B 154 27.76 20.60 -0.82
CA SER B 154 28.39 20.60 -2.14
C SER B 154 27.95 19.38 -2.93
N ALA B 155 27.92 19.51 -4.25
CA ALA B 155 27.40 18.47 -5.09
C ALA B 155 28.54 17.79 -5.85
N PRO B 156 29.06 16.67 -5.32
CA PRO B 156 30.02 15.89 -6.09
C PRO B 156 29.38 15.22 -7.31
N GLU B 157 30.22 14.55 -8.10
CA GLU B 157 29.84 13.80 -9.29
C GLU B 157 28.60 12.95 -9.08
N GLY B 158 27.68 13.00 -10.04
CA GLY B 158 26.44 12.24 -9.97
C GLY B 158 25.44 12.72 -8.93
N CYS B 159 25.73 13.82 -8.24
CA CYS B 159 24.75 14.40 -7.31
C CYS B 159 24.24 15.74 -7.79
N LEU B 160 23.10 16.18 -7.28
CA LEU B 160 22.60 17.54 -7.54
C LEU B 160 22.79 18.36 -6.27
N HIS B 161 22.92 19.68 -6.41
CA HIS B 161 22.95 20.55 -5.23
C HIS B 161 21.52 20.92 -4.79
N PHE B 162 21.31 21.08 -3.48
CA PHE B 162 19.99 21.44 -2.93
C PHE B 162 19.41 22.73 -3.56
N SER B 163 20.28 23.71 -3.80
CA SER B 163 19.88 24.99 -4.42
C SER B 163 19.10 24.82 -5.73
N VAL B 164 19.30 23.71 -6.43
CA VAL B 164 18.50 23.39 -7.61
C VAL B 164 17.02 23.19 -7.27
N LEU B 165 16.72 22.76 -6.05
CA LEU B 165 15.32 22.67 -5.66
C LEU B 165 14.78 24.07 -5.43
N THR B 166 15.57 24.92 -4.78
CA THR B 166 15.14 26.28 -4.46
C THR B 166 15.24 27.26 -5.64
N GLN B 167 15.82 26.82 -6.76
CA GLN B 167 15.71 27.54 -8.04
C GLN B 167 14.27 27.66 -8.48
N ALA B 168 13.46 26.64 -8.20
CA ALA B 168 12.11 26.53 -8.73
C ALA B 168 11.18 27.64 -8.23
N ASN B 169 10.11 27.88 -8.97
CA ASN B 169 9.12 28.88 -8.61
C ASN B 169 8.07 28.36 -7.65
N GLU B 170 7.91 29.11 -6.57
CA GLU B 170 6.85 28.96 -5.59
C GLU B 170 5.46 28.73 -6.25
N HIS B 171 5.20 29.44 -7.36
CA HIS B 171 4.06 29.26 -8.32
C HIS B 171 3.71 27.87 -8.73
N ASP B 172 4.77 27.07 -8.89
CA ASP B 172 4.75 25.94 -9.82
C ASP B 172 4.52 24.63 -9.13
N ILE B 173 3.93 24.66 -7.94
CA ILE B 173 3.44 23.43 -7.34
C ILE B 173 2.20 22.96 -8.10
N PRO B 174 2.20 21.71 -8.57
CA PRO B 174 1.02 21.19 -9.27
C PRO B 174 -0.18 21.03 -8.37
N GLU B 175 -1.37 21.17 -8.92
CA GLU B 175 -2.59 20.85 -8.19
C GLU B 175 -2.53 19.41 -7.69
N VAL B 176 -3.05 19.16 -6.51
CA VAL B 176 -3.01 17.83 -5.96
C VAL B 176 -4.20 17.60 -5.04
N GLU B 177 -4.72 16.37 -5.04
CA GLU B 177 -5.73 16.00 -4.07
C GLU B 177 -5.16 15.07 -3.00
N ILE B 178 -5.03 15.59 -1.79
CA ILE B 178 -4.46 14.84 -0.68
C ILE B 178 -5.58 14.37 0.23
N GLN B 179 -5.58 13.09 0.55
CA GLN B 179 -6.55 12.52 1.49
C GLN B 179 -6.01 12.57 2.92
N PRO B 180 -6.90 12.70 3.90
CA PRO B 180 -6.47 12.61 5.30
C PRO B 180 -5.63 11.36 5.57
N ASP B 181 -5.98 10.23 4.96
CA ASP B 181 -5.30 8.96 5.22
C ASP B 181 -4.08 8.67 4.31
N ASP B 182 -3.65 9.67 3.53
CA ASP B 182 -2.39 9.60 2.82
C ASP B 182 -1.21 9.74 3.77
N VAL B 183 -0.15 8.97 3.49
CA VAL B 183 1.04 8.97 4.33
C VAL B 183 1.85 10.22 3.98
N VAL B 184 2.40 10.87 5.01
CA VAL B 184 3.28 12.02 4.80
C VAL B 184 4.68 11.80 5.37
N ALA B 185 4.78 10.95 6.39
CA ALA B 185 6.04 10.64 7.06
C ALA B 185 6.23 9.13 7.27
N LEU B 186 7.46 8.68 7.08
CA LEU B 186 7.79 7.26 7.25
C LEU B 186 9.07 7.08 8.07
N PRO B 187 9.04 7.47 9.35
CA PRO B 187 10.14 7.12 10.25
C PRO B 187 10.17 5.60 10.40
N TYR B 188 11.34 5.05 10.73
CA TYR B 188 11.49 3.60 10.96
C TYR B 188 11.75 3.32 12.44
N SER B 189 11.19 2.21 12.93
CA SER B 189 11.49 1.72 14.29
C SER B 189 11.22 0.21 14.45
N SER B 190 11.90 -0.40 15.42
CA SER B 190 11.57 -1.75 15.88
C SER B 190 10.05 -1.93 16.16
N GLY B 191 9.50 -1.09 17.05
CA GLY B 191 8.08 -1.11 17.42
C GLY B 191 7.84 -1.72 18.80
N THR B 192 7.51 -3.01 18.81
CA THR B 192 7.47 -3.76 20.07
C THR B 192 8.55 -4.84 20.07
N THR B 193 8.96 -5.30 18.89
CA THR B 193 9.89 -6.42 18.76
C THR B 193 10.89 -6.36 17.58
N GLY B 194 12.06 -5.78 17.84
CA GLY B 194 13.22 -6.00 16.99
C GLY B 194 13.31 -5.34 15.61
N LEU B 195 12.92 -6.09 14.58
CA LEU B 195 13.21 -5.73 13.17
C LEU B 195 12.65 -4.36 12.70
N PRO B 196 13.51 -3.49 12.11
CA PRO B 196 13.07 -2.14 11.70
C PRO B 196 11.88 -2.15 10.74
N LYS B 197 10.83 -1.44 11.11
CA LYS B 197 9.63 -1.36 10.28
C LYS B 197 9.29 0.08 9.91
N GLY B 198 8.77 0.24 8.69
CA GLY B 198 8.35 1.55 8.21
C GLY B 198 7.03 1.92 8.85
N VAL B 199 7.04 2.99 9.66
CA VAL B 199 5.85 3.45 10.35
C VAL B 199 5.13 4.52 9.53
N MET B 200 3.95 4.17 9.03
CA MET B 200 3.19 5.05 8.14
C MET B 200 2.39 6.10 8.89
N LEU B 201 2.92 7.32 8.98
CA LEU B 201 2.20 8.43 9.63
C LEU B 201 1.49 9.27 8.57
N THR B 202 0.18 9.44 8.75
CA THR B 202 -0.68 10.15 7.80
C THR B 202 -0.79 11.63 8.13
N HIS B 203 -1.30 12.41 7.18
CA HIS B 203 -1.63 13.81 7.41
C HIS B 203 -2.59 13.92 8.61
N LYS B 204 -3.64 13.12 8.57
CA LYS B 204 -4.62 13.08 9.65
C LYS B 204 -4.00 12.69 11.00
N GLY B 205 -3.16 11.66 11.00
CA GLY B 205 -2.49 11.16 12.20
C GLY B 205 -1.65 12.25 12.86
N LEU B 206 -0.84 12.93 12.04
CA LEU B 206 0.06 13.96 12.58
C LEU B 206 -0.66 15.27 12.93
N VAL B 207 -1.64 15.66 12.13
CA VAL B 207 -2.45 16.84 12.49
C VAL B 207 -3.13 16.60 13.85
N THR B 208 -3.68 15.40 14.04
CA THR B 208 -4.29 15.00 15.33
C THR B 208 -3.30 15.09 16.50
N SER B 209 -2.12 14.51 16.31
CA SER B 209 -1.13 14.50 17.37
C SER B 209 -0.69 15.92 17.73
N VAL B 210 -0.44 16.76 16.73
CA VAL B 210 -0.05 18.14 16.99
C VAL B 210 -1.19 18.90 17.72
N ALA B 211 -2.41 18.81 17.19
CA ALA B 211 -3.57 19.43 17.85
C ALA B 211 -3.72 18.93 19.30
N GLN B 212 -3.60 17.62 19.52
CA GLN B 212 -3.62 17.06 20.89
C GLN B 212 -2.70 17.78 21.85
N GLN B 213 -1.58 18.28 21.34
CA GLN B 213 -0.60 18.93 22.20
C GLN B 213 -0.79 20.43 22.38
N VAL B 214 -0.97 21.16 21.28
CA VAL B 214 -0.84 22.64 21.31
C VAL B 214 -2.12 23.42 21.00
N ASP B 215 -3.15 22.72 20.51
CA ASP B 215 -4.46 23.31 20.22
C ASP B 215 -5.40 23.31 21.44
N GLY B 216 -6.48 24.10 21.34
CA GLY B 216 -7.52 24.16 22.36
C GLY B 216 -7.39 25.39 23.24
N GLU B 217 -8.48 25.73 23.92
CA GLU B 217 -8.50 26.89 24.82
C GLU B 217 -7.50 26.70 25.97
N ASN B 218 -7.48 25.51 26.56
CA ASN B 218 -6.40 25.12 27.47
C ASN B 218 -5.54 24.02 26.85
N PRO B 219 -4.47 24.40 26.14
CA PRO B 219 -3.64 23.37 25.48
C PRO B 219 -2.84 22.58 26.50
N ASN B 220 -2.68 21.28 26.24
CA ASN B 220 -1.92 20.37 27.09
C ASN B 220 -0.48 20.82 27.24
N LEU B 221 0.08 21.31 26.13
CA LEU B 221 1.43 21.86 26.08
C LEU B 221 1.36 23.27 25.50
N TYR B 222 1.45 24.25 26.39
CA TYR B 222 1.27 25.64 26.02
C TYR B 222 2.53 26.23 25.42
N ILE B 223 2.46 26.54 24.12
CA ILE B 223 3.53 27.20 23.40
C ILE B 223 2.94 28.32 22.52
N HIS B 224 3.62 29.46 22.49
CA HIS B 224 3.08 30.59 21.75
C HIS B 224 4.14 31.18 20.84
N SER B 225 3.75 32.15 20.01
CA SER B 225 4.65 32.63 18.97
C SER B 225 5.76 33.57 19.48
N GLU B 226 5.86 33.73 20.79
CA GLU B 226 7.02 34.45 21.37
C GLU B 226 8.02 33.50 22.04
N ASP B 227 7.63 32.23 22.15
CA ASP B 227 8.54 31.20 22.64
C ASP B 227 9.71 30.92 21.71
N VAL B 228 10.78 30.39 22.31
CA VAL B 228 11.97 29.95 21.60
C VAL B 228 12.18 28.51 22.05
N MET B 229 12.04 27.56 21.13
CA MET B 229 12.17 26.14 21.45
C MET B 229 13.52 25.65 20.92
N LEU B 230 14.28 25.00 21.78
CA LEU B 230 15.52 24.35 21.38
C LEU B 230 15.25 23.04 20.63
N CYS B 231 15.91 22.86 19.50
CA CYS B 231 15.81 21.63 18.72
C CYS B 231 17.16 20.94 18.70
N VAL B 232 17.42 20.12 19.71
CA VAL B 232 18.70 19.44 19.76
C VAL B 232 18.48 17.96 19.53
N LEU B 233 17.30 17.50 19.89
CA LEU B 233 16.89 16.14 19.63
C LEU B 233 16.78 15.91 18.13
N PRO B 234 17.21 14.75 17.65
CA PRO B 234 17.26 14.49 16.19
C PRO B 234 15.90 14.53 15.50
N LEU B 235 15.81 15.33 14.43
CA LEU B 235 14.55 15.46 13.68
C LEU B 235 14.16 14.18 12.95
N PHE B 236 15.10 13.24 12.79
CA PHE B 236 14.77 11.94 12.18
C PHE B 236 13.99 10.99 13.10
N HIS B 237 13.91 11.35 14.38
CA HIS B 237 13.13 10.60 15.37
C HIS B 237 11.88 11.40 15.73
N ILE B 238 10.79 10.70 16.06
CA ILE B 238 9.46 11.29 16.14
C ILE B 238 9.31 12.39 17.20
N TYR B 239 10.06 12.29 18.31
CA TYR B 239 9.85 13.21 19.41
C TYR B 239 10.14 14.65 18.91
N SER B 240 11.30 14.85 18.30
CA SER B 240 11.69 16.17 17.80
C SER B 240 10.84 16.57 16.59
N LEU B 241 10.66 15.63 15.66
CA LEU B 241 9.91 15.90 14.43
C LEU B 241 8.49 16.40 14.77
N ASN B 242 7.86 15.73 15.73
CA ASN B 242 6.49 16.02 16.10
C ASN B 242 6.41 17.16 17.13
N SER B 243 6.92 16.91 18.34
CA SER B 243 6.76 17.87 19.43
C SER B 243 7.57 19.16 19.32
N VAL B 244 8.66 19.13 18.56
CA VAL B 244 9.41 20.37 18.39
C VAL B 244 9.07 21.03 17.08
N LEU B 245 9.33 20.36 15.95
CA LEU B 245 9.17 21.02 14.66
C LEU B 245 7.70 21.32 14.35
N LEU B 246 6.89 20.29 14.30
CA LEU B 246 5.50 20.46 13.87
C LEU B 246 4.63 21.21 14.86
N CYS B 247 4.80 20.97 16.16
CA CYS B 247 4.08 21.75 17.18
C CYS B 247 4.56 23.20 17.19
N GLY B 248 5.88 23.40 17.09
CA GLY B 248 6.46 24.75 16.95
C GLY B 248 5.88 25.54 15.79
N LEU B 249 5.90 24.93 14.60
CA LEU B 249 5.31 25.58 13.41
C LEU B 249 3.87 25.99 13.62
N ARG B 250 3.03 25.06 14.10
CA ARG B 250 1.62 25.33 14.35
C ARG B 250 1.36 26.64 15.11
N VAL B 251 2.14 26.87 16.16
CA VAL B 251 1.87 27.99 17.07
C VAL B 251 2.71 29.23 16.80
N GLY B 252 3.61 29.15 15.80
CA GLY B 252 4.44 30.30 15.44
C GLY B 252 5.68 30.56 16.28
N ALA B 253 6.16 29.53 16.98
CA ALA B 253 7.33 29.65 17.83
C ALA B 253 8.61 29.66 17.01
N ALA B 254 9.67 30.27 17.55
CA ALA B 254 10.99 30.15 16.96
C ALA B 254 11.59 28.79 17.33
N ILE B 255 12.29 28.18 16.38
CA ILE B 255 12.91 26.86 16.56
C ILE B 255 14.43 27.00 16.41
N LEU B 256 15.14 26.80 17.52
CA LEU B 256 16.60 26.93 17.53
C LEU B 256 17.26 25.61 17.22
N ILE B 257 17.82 25.54 16.01
CA ILE B 257 18.49 24.33 15.54
C ILE B 257 19.93 24.22 16.06
N MET B 258 20.19 23.06 16.69
CA MET B 258 21.50 22.65 17.18
C MET B 258 21.79 21.26 16.60
N GLN B 259 23.00 21.04 16.11
CA GLN B 259 23.32 19.79 15.42
C GLN B 259 23.72 18.64 16.31
N LYS B 260 24.35 18.93 17.45
CA LYS B 260 24.99 17.88 18.21
C LYS B 260 25.04 18.25 19.68
N PHE B 261 24.44 17.42 20.54
CA PHE B 261 24.44 17.71 21.96
C PHE B 261 25.83 17.67 22.53
N ASP B 262 26.14 18.73 23.27
CA ASP B 262 27.42 18.94 23.89
C ASP B 262 27.07 19.88 25.04
N ILE B 263 27.37 19.47 26.27
CA ILE B 263 26.91 20.17 27.47
C ILE B 263 27.28 21.67 27.52
N VAL B 264 28.50 22.00 27.07
CA VAL B 264 28.95 23.40 26.99
C VAL B 264 28.13 24.20 25.98
N SER B 265 28.19 23.81 24.69
CA SER B 265 27.41 24.45 23.63
C SER B 265 25.94 24.59 24.04
N PHE B 266 25.42 23.51 24.63
CA PHE B 266 24.03 23.41 25.06
C PHE B 266 23.65 24.53 26.01
N LEU B 267 24.45 24.69 27.07
CA LEU B 267 24.22 25.74 28.06
C LEU B 267 24.47 27.15 27.50
N GLU B 268 25.48 27.30 26.64
CA GLU B 268 25.74 28.57 25.93
C GLU B 268 24.49 29.01 25.15
N LEU B 269 24.01 28.11 24.29
CA LEU B 269 22.88 28.41 23.41
C LEU B 269 21.65 28.79 24.19
N ILE B 270 21.37 28.07 25.28
CA ILE B 270 20.17 28.34 26.08
C ILE B 270 20.19 29.77 26.61
N GLN B 271 21.34 30.19 27.14
CA GLN B 271 21.48 31.52 27.73
C GLN B 271 21.53 32.59 26.64
N ARG B 272 22.35 32.38 25.61
CA ARG B 272 22.51 33.38 24.56
C ARG B 272 21.23 33.64 23.78
N TYR B 273 20.51 32.57 23.44
CA TYR B 273 19.27 32.74 22.65
C TYR B 273 18.00 32.90 23.49
N LYS B 274 18.12 32.77 24.80
CA LYS B 274 16.98 32.87 25.71
C LYS B 274 15.90 31.85 25.38
N VAL B 275 16.32 30.59 25.24
CA VAL B 275 15.41 29.47 25.03
C VAL B 275 14.33 29.48 26.11
N THR B 276 13.07 29.43 25.69
CA THR B 276 11.96 29.37 26.65
C THR B 276 11.39 27.96 26.84
N ILE B 277 11.53 27.11 25.81
CA ILE B 277 11.06 25.72 25.86
C ILE B 277 12.26 24.76 25.70
N GLY B 278 12.44 23.87 26.68
CA GLY B 278 13.50 22.86 26.65
C GLY B 278 13.05 21.40 26.46
N PRO B 279 13.00 20.93 25.20
CA PRO B 279 12.65 19.52 24.97
C PRO B 279 13.90 18.66 25.05
N PHE B 280 13.99 17.86 26.12
CA PHE B 280 15.17 17.07 26.40
C PHE B 280 14.80 15.59 26.50
N VAL B 281 15.84 14.79 26.75
CA VAL B 281 15.72 13.37 27.01
C VAL B 281 16.51 13.03 28.29
N PRO B 282 16.33 11.80 28.84
CA PRO B 282 17.06 11.51 30.09
C PRO B 282 18.57 11.71 30.09
N PRO B 283 19.28 11.34 28.98
CA PRO B 283 20.73 11.63 28.97
C PRO B 283 21.06 13.10 29.14
N ILE B 284 20.24 14.01 28.61
CA ILE B 284 20.47 15.45 28.78
C ILE B 284 20.10 15.87 30.21
N VAL B 285 18.95 15.39 30.68
CA VAL B 285 18.55 15.59 32.07
C VAL B 285 19.68 15.13 33.04
N LEU B 286 20.25 13.96 32.78
CA LEU B 286 21.30 13.39 33.64
C LEU B 286 22.56 14.24 33.61
N ALA B 287 22.97 14.63 32.41
CA ALA B 287 24.12 15.50 32.24
C ALA B 287 23.98 16.82 33.03
N ILE B 288 22.80 17.41 33.01
CA ILE B 288 22.51 18.66 33.76
C ILE B 288 22.58 18.42 35.27
N ALA B 289 22.15 17.23 35.73
CA ALA B 289 22.10 16.94 37.16
C ALA B 289 23.50 16.73 37.73
N LYS B 290 24.33 16.03 36.97
CA LYS B 290 25.66 15.62 37.41
C LYS B 290 26.78 16.62 37.04
N SER B 291 26.40 17.81 36.57
CA SER B 291 27.38 18.84 36.22
C SER B 291 27.16 20.08 37.09
N PRO B 292 28.22 20.55 37.78
CA PRO B 292 28.09 21.67 38.73
C PRO B 292 28.14 23.08 38.10
N MET B 293 28.52 23.18 36.83
CA MET B 293 28.67 24.48 36.14
C MET B 293 27.35 25.13 35.73
N VAL B 294 26.32 24.30 35.57
CA VAL B 294 24.94 24.71 35.26
C VAL B 294 24.48 25.94 36.06
N ASP B 295 25.09 26.12 37.23
CA ASP B 295 24.77 27.23 38.12
C ASP B 295 25.38 28.57 37.62
N ASP B 296 26.42 28.47 36.78
CA ASP B 296 27.08 29.64 36.18
C ASP B 296 26.28 30.33 35.06
N TYR B 297 25.15 29.74 34.68
CA TYR B 297 24.41 30.19 33.50
C TYR B 297 23.04 30.77 33.81
N ASP B 298 22.71 31.89 33.14
CA ASP B 298 21.36 32.42 33.22
C ASP B 298 20.44 31.53 32.40
N LEU B 299 19.92 30.50 33.05
CA LEU B 299 18.97 29.58 32.42
C LEU B 299 17.55 29.97 32.78
N SER B 300 17.37 31.22 33.23
CA SER B 300 16.09 31.71 33.75
C SER B 300 15.04 31.97 32.67
N SER B 301 15.45 31.99 31.40
CA SER B 301 14.51 32.15 30.29
C SER B 301 13.59 30.94 30.15
N VAL B 302 14.12 29.76 30.48
CA VAL B 302 13.40 28.49 30.31
C VAL B 302 12.19 28.37 31.22
N ARG B 303 10.99 28.48 30.64
CA ARG B 303 9.77 28.37 31.42
C ARG B 303 9.16 26.97 31.37
N THR B 304 9.61 26.15 30.42
CA THR B 304 9.10 24.78 30.29
C THR B 304 10.24 23.81 29.98
N VAL B 305 10.37 22.79 30.83
CA VAL B 305 11.34 21.72 30.60
C VAL B 305 10.61 20.39 30.49
N MET B 306 10.96 19.66 29.43
CA MET B 306 10.27 18.47 29.05
C MET B 306 11.28 17.33 28.90
N SER B 307 10.99 16.18 29.47
CA SER B 307 11.75 14.98 29.14
C SER B 307 10.84 13.89 28.57
N GLY B 308 11.31 13.19 27.54
CA GLY B 308 10.57 12.07 26.98
C GLY B 308 11.51 11.04 26.37
N ALA B 309 10.91 9.98 25.81
CA ALA B 309 11.62 8.95 25.01
C ALA B 309 12.26 7.80 25.77
N ALA B 310 12.50 7.97 27.08
CA ALA B 310 13.12 6.91 27.89
C ALA B 310 12.77 7.08 29.38
N PRO B 311 12.98 6.02 30.19
CA PRO B 311 12.72 6.16 31.63
C PRO B 311 13.49 7.28 32.31
N LEU B 312 12.78 7.99 33.18
CA LEU B 312 13.35 8.99 34.09
C LEU B 312 12.59 8.89 35.42
N GLY B 313 13.30 8.51 36.48
CA GLY B 313 12.74 8.40 37.84
C GLY B 313 12.62 9.74 38.56
N LYS B 314 11.81 9.78 39.62
CA LYS B 314 11.49 11.02 40.34
C LYS B 314 12.69 11.76 40.93
N GLU B 315 13.68 11.02 41.47
CA GLU B 315 14.80 11.67 42.13
C GLU B 315 15.62 12.50 41.15
N LEU B 316 16.00 11.90 40.02
CA LEU B 316 16.72 12.64 38.97
C LEU B 316 15.86 13.81 38.49
N GLU B 317 14.58 13.54 38.26
CA GLU B 317 13.65 14.59 37.88
C GLU B 317 13.66 15.75 38.90
N ASP B 318 13.61 15.41 40.19
CA ASP B 318 13.65 16.39 41.28
C ASP B 318 14.94 17.22 41.32
N THR B 319 16.09 16.55 41.20
CA THR B 319 17.38 17.24 41.14
C THR B 319 17.39 18.34 40.06
N VAL B 320 16.79 18.05 38.92
CA VAL B 320 16.85 18.99 37.80
C VAL B 320 15.79 20.08 37.94
N ARG B 321 14.70 19.78 38.65
CA ARG B 321 13.69 20.80 39.00
C ARG B 321 14.34 21.95 39.72
N ALA B 322 15.17 21.61 40.71
CA ALA B 322 15.86 22.58 41.54
C ALA B 322 16.67 23.55 40.66
N LYS B 323 17.26 23.03 39.57
CA LYS B 323 18.10 23.83 38.68
C LYS B 323 17.31 24.73 37.72
N PHE B 324 16.01 24.47 37.55
CA PHE B 324 15.12 25.36 36.80
C PHE B 324 13.92 25.76 37.69
N PRO B 325 14.19 26.41 38.85
CA PRO B 325 13.08 26.63 39.80
C PRO B 325 11.99 27.57 39.26
N ASN B 326 12.28 28.26 38.16
CA ASN B 326 11.35 29.18 37.51
C ASN B 326 10.45 28.47 36.46
N ALA B 327 10.71 27.17 36.22
CA ALA B 327 10.12 26.45 35.09
C ALA B 327 9.18 25.32 35.48
N LYS B 328 8.12 25.15 34.71
CA LYS B 328 7.33 23.93 34.78
C LYS B 328 8.21 22.82 34.19
N LEU B 329 8.41 21.74 34.95
CA LEU B 329 9.21 20.63 34.47
C LEU B 329 8.45 19.30 34.58
N GLY B 330 8.58 18.44 33.57
CA GLY B 330 7.89 17.15 33.56
C GLY B 330 8.19 16.27 32.35
N GLN B 331 7.43 15.19 32.22
CA GLN B 331 7.67 14.20 31.18
C GLN B 331 6.48 14.01 30.24
N GLY B 332 6.80 13.61 29.02
CA GLY B 332 5.82 13.07 28.10
C GLY B 332 6.20 11.65 27.75
N TYR B 333 5.26 10.91 27.16
CA TYR B 333 5.52 9.53 26.79
C TYR B 333 4.96 9.31 25.40
N GLY B 334 5.80 8.81 24.51
CA GLY B 334 5.39 8.61 23.11
C GLY B 334 6.09 7.45 22.44
N MET B 335 5.65 7.15 21.21
CA MET B 335 6.21 6.09 20.39
C MET B 335 6.22 6.57 18.95
N THR B 336 7.13 6.00 18.16
CA THR B 336 7.13 6.21 16.72
C THR B 336 5.72 5.92 16.13
N GLU B 337 5.06 4.87 16.63
CA GLU B 337 3.75 4.44 16.15
C GLU B 337 2.57 5.35 16.50
N ALA B 338 2.78 6.30 17.42
CA ALA B 338 1.66 7.06 17.96
C ALA B 338 1.90 8.52 18.27
N GLY B 339 3.13 8.98 18.16
CA GLY B 339 3.47 10.29 18.72
C GLY B 339 3.22 10.21 20.23
N PRO B 340 2.95 11.37 20.87
CA PRO B 340 2.71 11.35 22.32
C PRO B 340 1.40 10.65 22.72
N LEU B 341 1.53 9.65 23.59
CA LEU B 341 0.41 9.01 24.25
C LEU B 341 -0.01 9.76 25.52
N ALA B 342 0.93 10.39 26.20
CA ALA B 342 0.64 11.07 27.44
C ALA B 342 1.56 12.25 27.56
N MET B 343 1.05 13.34 28.14
CA MET B 343 1.79 14.59 28.27
C MET B 343 1.50 15.24 29.62
N CYS B 344 2.54 15.78 30.23
CA CYS B 344 2.50 16.43 31.52
C CYS B 344 1.55 17.63 31.53
N LEU B 345 0.56 17.60 32.41
CA LEU B 345 -0.44 18.67 32.47
C LEU B 345 0.00 19.93 33.20
N ALA B 346 1.18 19.89 33.82
CA ALA B 346 1.82 21.11 34.33
C ALA B 346 2.29 22.05 33.21
N PHE B 347 2.29 21.55 31.97
CA PHE B 347 2.62 22.30 30.77
C PHE B 347 1.44 23.09 30.20
N ALA B 348 0.25 22.79 30.68
CA ALA B 348 -0.97 23.40 30.19
C ALA B 348 -1.01 24.91 30.42
N LYS B 349 -1.86 25.62 29.68
CA LYS B 349 -1.97 27.07 29.81
C LYS B 349 -2.53 27.46 31.18
N GLU B 350 -3.50 26.69 31.67
CA GLU B 350 -3.90 26.68 33.08
C GLU B 350 -3.40 25.38 33.66
N PRO B 351 -2.26 25.40 34.37
CA PRO B 351 -1.54 24.17 34.68
C PRO B 351 -2.24 23.33 35.75
N PHE B 352 -2.08 22.00 35.67
CA PHE B 352 -2.54 21.08 36.71
C PHE B 352 -1.37 20.72 37.59
N GLU B 353 -1.67 20.21 38.78
CA GLU B 353 -0.66 19.67 39.66
C GLU B 353 -0.19 18.31 39.17
N ILE B 354 1.11 18.06 39.37
CA ILE B 354 1.75 16.85 38.89
C ILE B 354 2.62 16.22 39.98
N LYS B 355 3.02 14.97 39.79
CA LYS B 355 3.98 14.28 40.65
C LYS B 355 5.23 13.94 39.84
N SER B 356 6.40 14.05 40.46
CA SER B 356 7.67 13.71 39.81
C SER B 356 7.71 12.25 39.41
N GLY B 357 8.23 11.97 38.22
CA GLY B 357 8.43 10.58 37.79
C GLY B 357 7.24 10.04 37.01
N ALA B 358 6.16 10.82 36.97
CA ALA B 358 5.04 10.53 36.08
C ALA B 358 5.41 10.87 34.63
N CYS B 359 4.79 10.20 33.67
CA CYS B 359 5.07 10.52 32.27
C CYS B 359 3.94 11.30 31.64
N GLY B 360 3.05 11.82 32.49
CA GLY B 360 1.98 12.72 32.10
C GLY B 360 0.60 12.12 32.22
N THR B 361 -0.37 12.79 31.63
CA THR B 361 -1.74 12.30 31.53
C THR B 361 -2.07 12.03 30.06
N VAL B 362 -2.81 10.94 29.81
CA VAL B 362 -3.21 10.57 28.47
C VAL B 362 -3.77 11.76 27.70
N VAL B 363 -3.30 11.95 26.47
CA VAL B 363 -3.67 13.11 25.67
C VAL B 363 -5.18 13.14 25.44
N ARG B 364 -5.70 14.34 25.20
CA ARG B 364 -7.11 14.48 24.88
C ARG B 364 -7.43 13.87 23.51
N ASN B 365 -8.72 13.65 23.25
CA ASN B 365 -9.19 13.05 21.99
C ASN B 365 -8.56 11.66 21.79
N ALA B 366 -8.48 10.90 22.88
CA ALA B 366 -7.92 9.56 22.84
C ALA B 366 -8.46 8.77 24.02
N GLU B 367 -8.35 7.45 23.92
CA GLU B 367 -8.70 6.57 25.02
C GLU B 367 -7.46 5.77 25.37
N MET B 368 -7.32 5.42 26.65
CA MET B 368 -6.25 4.54 27.12
C MET B 368 -6.78 3.43 28.02
N LYS B 369 -6.15 2.27 27.97
CA LYS B 369 -6.44 1.22 28.95
C LYS B 369 -5.16 0.50 29.35
N ILE B 370 -5.23 -0.17 30.51
CA ILE B 370 -4.10 -0.93 31.02
C ILE B 370 -4.54 -2.38 31.13
N VAL B 371 -3.82 -3.26 30.46
CA VAL B 371 -4.29 -4.62 30.23
C VAL B 371 -3.35 -5.64 30.85
N ASP B 372 -3.90 -6.57 31.62
CA ASP B 372 -3.09 -7.62 32.26
C ASP B 372 -2.54 -8.55 31.17
N PRO B 373 -1.19 -8.66 31.08
CA PRO B 373 -0.51 -9.54 30.11
C PRO B 373 -0.90 -11.01 30.25
N LYS B 374 -1.31 -11.43 31.46
CA LYS B 374 -1.64 -12.84 31.74
C LYS B 374 -3.06 -13.22 31.39
N THR B 375 -4.00 -12.28 31.53
CA THR B 375 -5.43 -12.58 31.36
C THR B 375 -6.10 -11.85 30.19
N GLY B 376 -5.47 -10.78 29.71
CA GLY B 376 -6.06 -9.96 28.66
C GLY B 376 -7.10 -8.99 29.18
N ASN B 377 -7.31 -8.96 30.49
CA ASN B 377 -8.31 -8.09 31.12
C ASN B 377 -7.79 -6.69 31.45
N SER B 378 -8.62 -5.69 31.20
CA SER B 378 -8.30 -4.30 31.53
C SER B 378 -8.34 -4.06 33.05
N LEU B 379 -7.39 -3.28 33.54
CA LEU B 379 -7.20 -3.09 34.96
C LEU B 379 -7.73 -1.73 35.42
N PRO B 380 -8.00 -1.58 36.74
CA PRO B 380 -8.36 -0.27 37.29
C PRO B 380 -7.12 0.55 37.65
N ARG B 381 -7.29 1.72 38.28
CA ARG B 381 -6.15 2.51 38.76
C ARG B 381 -5.22 1.73 39.69
N ASN B 382 -3.96 2.16 39.73
CA ASN B 382 -2.93 1.60 40.64
C ASN B 382 -2.70 0.12 40.47
N GLN B 383 -2.72 -0.31 39.20
CA GLN B 383 -2.52 -1.69 38.81
C GLN B 383 -1.65 -1.73 37.56
N SER B 384 -0.50 -2.40 37.64
CA SER B 384 0.42 -2.45 36.51
C SER B 384 -0.03 -3.41 35.41
N GLY B 385 0.13 -2.97 34.17
CA GLY B 385 -0.09 -3.82 33.00
C GLY B 385 0.28 -3.09 31.71
N GLU B 386 -0.16 -3.66 30.59
CA GLU B 386 0.29 -3.17 29.29
C GLU B 386 -0.61 -2.04 28.84
N ILE B 387 0.03 -0.91 28.56
CA ILE B 387 -0.63 0.31 28.12
C ILE B 387 -1.15 0.13 26.68
N CYS B 388 -2.41 0.53 26.46
CA CYS B 388 -3.00 0.51 25.14
C CYS B 388 -3.66 1.84 24.86
N ILE B 389 -3.52 2.32 23.64
CA ILE B 389 -4.16 3.56 23.26
C ILE B 389 -4.96 3.39 21.97
N ARG B 390 -6.00 4.21 21.83
CA ARG B 390 -6.84 4.25 20.65
C ARG B 390 -7.16 5.71 20.34
N GLY B 391 -6.93 6.13 19.11
CA GLY B 391 -7.28 7.48 18.66
C GLY B 391 -6.75 7.73 17.26
N ASP B 392 -7.14 8.85 16.66
CA ASP B 392 -6.76 9.14 15.28
C ASP B 392 -5.26 9.41 15.05
N GLN B 393 -4.51 9.60 16.14
CA GLN B 393 -3.07 9.90 16.04
C GLN B 393 -2.22 8.66 15.76
N ILE B 394 -2.81 7.48 15.92
CA ILE B 394 -2.14 6.20 15.70
C ILE B 394 -1.69 6.10 14.25
N MET B 395 -0.58 5.38 14.01
CA MET B 395 -0.11 5.13 12.65
C MET B 395 -1.17 4.40 11.79
N LYS B 396 -1.11 4.60 10.48
CA LYS B 396 -1.87 3.80 9.53
C LYS B 396 -1.47 2.33 9.66
N GLY B 397 -0.16 2.07 9.82
CA GLY B 397 0.34 0.71 9.95
C GLY B 397 1.84 0.66 9.67
N TYR B 398 2.41 -0.55 9.69
CA TYR B 398 3.76 -0.77 9.21
C TYR B 398 3.74 -1.04 7.71
N LEU B 399 4.63 -0.37 6.98
CA LEU B 399 4.66 -0.46 5.51
C LEU B 399 4.91 -1.90 5.04
N ASN B 400 4.01 -2.37 4.16
CA ASN B 400 4.08 -3.70 3.56
C ASN B 400 4.18 -4.80 4.61
N ASP B 401 3.63 -4.54 5.78
CA ASP B 401 3.67 -5.55 6.85
C ASP B 401 2.33 -5.63 7.59
N PRO B 402 1.28 -6.12 6.89
CA PRO B 402 -0.04 -6.20 7.50
C PRO B 402 -0.08 -7.14 8.70
N GLU B 403 0.82 -8.12 8.73
CA GLU B 403 0.84 -9.01 9.89
C GLU B 403 1.41 -8.35 11.15
N ALA B 404 2.53 -7.64 11.01
CA ALA B 404 3.06 -6.90 12.17
C ALA B 404 1.99 -5.89 12.63
N THR B 405 1.31 -5.28 11.68
CA THR B 405 0.26 -4.32 11.96
C THR B 405 -0.88 -4.94 12.79
N ALA B 406 -1.34 -6.11 12.36
CA ALA B 406 -2.45 -6.80 13.01
C ALA B 406 -2.13 -7.29 14.42
N ARG B 407 -0.88 -7.64 14.69
CA ARG B 407 -0.53 -8.05 16.05
C ARG B 407 -0.19 -6.87 16.98
N THR B 408 -0.15 -5.67 16.41
CA THR B 408 0.12 -4.43 17.14
C THR B 408 -1.15 -3.62 17.39
N ILE B 409 -2.02 -3.57 16.39
CA ILE B 409 -3.29 -2.86 16.46
C ILE B 409 -4.43 -3.85 16.21
N ASP B 410 -5.24 -4.11 17.24
CA ASP B 410 -6.34 -5.06 17.12
C ASP B 410 -7.52 -4.44 16.36
N LYS B 411 -8.57 -5.23 16.15
CA LYS B 411 -9.68 -4.83 15.29
C LYS B 411 -10.56 -3.76 15.92
N GLU B 412 -10.40 -3.57 17.21
CA GLU B 412 -11.08 -2.50 17.94
C GLU B 412 -10.35 -1.15 17.86
N GLY B 413 -9.18 -1.15 17.23
CA GLY B 413 -8.40 0.07 17.10
C GLY B 413 -7.44 0.32 18.26
N TRP B 414 -7.25 -0.70 19.10
CA TRP B 414 -6.32 -0.61 20.25
C TRP B 414 -4.90 -0.98 19.85
N LEU B 415 -3.99 -0.04 20.04
CA LEU B 415 -2.57 -0.25 19.83
C LEU B 415 -1.93 -0.72 21.14
N TYR B 416 -1.33 -1.90 21.08
CA TYR B 416 -0.65 -2.50 22.21
C TYR B 416 0.81 -2.05 22.20
N THR B 417 1.20 -1.26 23.21
CA THR B 417 2.49 -0.57 23.21
C THR B 417 3.68 -1.47 23.54
N GLY B 418 3.43 -2.54 24.29
CA GLY B 418 4.50 -3.33 24.90
C GLY B 418 5.13 -2.69 26.14
N ASP B 419 4.54 -1.60 26.60
CA ASP B 419 5.04 -0.89 27.79
C ASP B 419 4.20 -1.20 29.03
N ILE B 420 4.87 -1.46 30.14
CA ILE B 420 4.17 -1.67 31.40
C ILE B 420 4.08 -0.38 32.19
N GLY B 421 2.87 -0.04 32.61
CA GLY B 421 2.69 1.07 33.55
C GLY B 421 1.37 1.02 34.30
N TYR B 422 1.09 2.10 35.03
CA TYR B 422 -0.14 2.21 35.80
C TYR B 422 -0.63 3.67 35.79
N ILE B 423 -1.92 3.85 36.08
CA ILE B 423 -2.52 5.17 36.17
C ILE B 423 -2.98 5.38 37.61
N ASP B 424 -2.56 6.48 38.24
CA ASP B 424 -2.95 6.68 39.63
C ASP B 424 -4.25 7.46 39.79
N ASP B 425 -4.57 7.82 41.04
CA ASP B 425 -5.85 8.46 41.38
C ASP B 425 -5.99 9.83 40.75
N ASP B 426 -4.87 10.45 40.44
CA ASP B 426 -4.88 11.78 39.85
C ASP B 426 -4.79 11.74 38.32
N ASP B 427 -4.99 10.56 37.75
CA ASP B 427 -4.92 10.34 36.30
C ASP B 427 -3.51 10.60 35.76
N GLU B 428 -2.50 10.33 36.59
CA GLU B 428 -1.14 10.41 36.12
C GLU B 428 -0.59 9.03 35.77
N LEU B 429 -0.01 8.92 34.59
CA LEU B 429 0.58 7.66 34.15
C LEU B 429 2.05 7.53 34.56
N PHE B 430 2.41 6.35 35.02
CA PHE B 430 3.80 6.00 35.30
C PHE B 430 4.22 4.80 34.42
N ILE B 431 5.39 4.89 33.80
CA ILE B 431 6.03 3.76 33.11
C ILE B 431 7.00 2.99 34.02
N VAL B 432 6.80 1.68 34.10
CA VAL B 432 7.67 0.80 34.87
C VAL B 432 8.91 0.48 34.02
N ASP B 433 8.68 -0.12 32.86
CA ASP B 433 9.70 -0.43 31.85
C ASP B 433 9.00 -1.15 30.70
N ARG B 434 9.76 -1.62 29.72
CA ARG B 434 9.21 -2.51 28.69
C ARG B 434 8.93 -3.88 29.29
N LEU B 435 7.81 -4.48 28.91
CA LEU B 435 7.44 -5.80 29.41
C LEU B 435 8.58 -6.82 29.21
N LYS B 436 9.22 -6.75 28.03
CA LYS B 436 10.29 -7.64 27.63
C LYS B 436 11.62 -7.39 28.33
N GLU B 437 11.77 -6.21 28.92
CA GLU B 437 13.04 -5.83 29.60
C GLU B 437 13.03 -6.19 31.08
N LEU B 438 11.89 -6.67 31.58
CA LEU B 438 11.77 -7.06 32.98
C LEU B 438 12.67 -8.24 33.29
N ILE B 439 13.48 -8.10 34.32
CA ILE B 439 14.39 -9.16 34.75
C ILE B 439 13.62 -10.24 35.54
N LYS B 440 13.74 -11.48 35.08
CA LYS B 440 13.00 -12.62 35.63
C LYS B 440 13.83 -13.44 36.63
N TYR B 441 13.72 -13.07 37.90
CA TYR B 441 14.42 -13.72 39.00
C TYR B 441 13.42 -14.66 39.63
N LYS B 442 13.56 -15.96 39.34
CA LYS B 442 12.56 -16.96 39.71
C LYS B 442 11.18 -16.46 39.27
N GLY B 443 10.22 -16.42 40.20
CA GLY B 443 8.87 -15.95 39.89
C GLY B 443 8.69 -14.45 40.01
N PHE B 444 9.78 -13.73 40.27
CA PHE B 444 9.73 -12.29 40.47
C PHE B 444 10.11 -11.53 39.21
N GLN B 445 9.60 -10.31 39.07
CA GLN B 445 9.97 -9.44 37.96
C GLN B 445 10.65 -8.18 38.48
N VAL B 446 11.83 -7.89 37.94
CA VAL B 446 12.64 -6.74 38.37
C VAL B 446 12.77 -5.74 37.22
N ALA B 447 12.44 -4.47 37.48
CA ALA B 447 12.50 -3.42 36.48
C ALA B 447 13.89 -2.77 36.45
N PRO B 448 14.63 -2.90 35.32
CA PRO B 448 15.92 -2.26 35.17
C PRO B 448 15.90 -0.78 35.55
N ALA B 449 14.92 -0.03 35.05
CA ALA B 449 14.79 1.41 35.29
C ALA B 449 14.73 1.77 36.79
N GLU B 450 14.11 0.92 37.60
CA GLU B 450 14.04 1.14 39.05
C GLU B 450 15.46 1.14 39.61
N LEU B 451 16.22 0.11 39.29
CA LEU B 451 17.60 0.04 39.79
C LEU B 451 18.52 1.14 39.22
N GLU B 452 18.36 1.45 37.94
CA GLU B 452 19.10 2.55 37.30
C GLU B 452 18.91 3.85 38.07
N ALA B 453 17.66 4.19 38.36
CA ALA B 453 17.31 5.37 39.11
C ALA B 453 18.04 5.37 40.46
N LEU B 454 18.02 4.23 41.16
CA LEU B 454 18.72 4.14 42.44
C LEU B 454 20.23 4.38 42.27
N LEU B 455 20.82 3.73 41.28
CA LEU B 455 22.26 3.87 41.01
C LEU B 455 22.66 5.31 40.66
N LEU B 456 21.81 6.01 39.91
CA LEU B 456 22.10 7.38 39.48
C LEU B 456 21.95 8.36 40.65
N ASN B 457 21.36 7.86 41.74
CA ASN B 457 21.25 8.62 42.99
C ASN B 457 22.58 8.79 43.70
N HIS B 458 23.54 7.91 43.43
CA HIS B 458 24.83 7.94 44.13
C HIS B 458 25.71 9.09 43.64
N PRO B 459 26.24 9.91 44.57
CA PRO B 459 27.11 11.04 44.18
C PRO B 459 28.37 10.69 43.37
N ASN B 460 28.88 9.46 43.50
CA ASN B 460 30.04 9.01 42.74
C ASN B 460 29.70 8.16 41.50
N ILE B 461 28.44 8.15 41.12
CA ILE B 461 28.05 7.47 39.88
C ILE B 461 27.62 8.50 38.84
N SER B 462 28.17 8.38 37.63
CA SER B 462 27.84 9.29 36.53
C SER B 462 26.71 8.73 35.70
N ASP B 463 26.79 7.44 35.41
CA ASP B 463 25.84 6.81 34.51
C ASP B 463 25.68 5.36 34.90
N ALA B 464 24.57 4.75 34.48
CA ALA B 464 24.33 3.35 34.77
C ALA B 464 23.30 2.72 33.84
N ALA B 465 23.44 1.41 33.69
CA ALA B 465 22.45 0.59 33.02
C ALA B 465 22.39 -0.72 33.76
N VAL B 466 21.20 -1.30 33.81
CA VAL B 466 20.98 -2.59 34.45
C VAL B 466 20.37 -3.54 33.43
N VAL B 467 20.96 -4.73 33.32
CA VAL B 467 20.48 -5.73 32.37
C VAL B 467 20.51 -7.11 33.04
N PRO B 468 19.76 -8.08 32.48
CA PRO B 468 19.83 -9.44 33.04
C PRO B 468 21.09 -10.20 32.63
N MET B 469 21.59 -11.04 33.53
CA MET B 469 22.65 -12.01 33.26
C MET B 469 22.13 -13.37 33.66
N LYS B 470 22.43 -14.38 32.83
CA LYS B 470 21.95 -15.76 33.05
C LYS B 470 22.33 -16.31 34.41
N ASP B 471 21.38 -16.93 35.10
CA ASP B 471 21.66 -17.53 36.40
C ASP B 471 21.19 -18.98 36.54
N GLU B 472 21.93 -19.71 37.37
CA GLU B 472 21.67 -21.12 37.70
C GLU B 472 20.42 -21.35 38.55
N GLN B 473 20.41 -20.78 39.75
CA GLN B 473 19.28 -20.95 40.69
C GLN B 473 18.06 -20.15 40.25
N ALA B 474 18.30 -18.94 39.74
CA ALA B 474 17.24 -17.94 39.56
C ALA B 474 16.81 -17.70 38.12
N GLY B 475 17.60 -18.15 37.15
CA GLY B 475 17.32 -17.93 35.73
C GLY B 475 17.96 -16.67 35.19
N GLU B 476 17.55 -15.54 35.76
CA GLU B 476 18.18 -14.26 35.48
C GLU B 476 18.40 -13.49 36.78
N VAL B 477 19.57 -12.86 36.89
CA VAL B 477 19.88 -11.95 37.99
C VAL B 477 20.27 -10.56 37.42
N PRO B 478 19.96 -9.48 38.15
CA PRO B 478 20.36 -8.14 37.70
C PRO B 478 21.85 -7.93 37.86
N VAL B 479 22.47 -7.31 36.85
CA VAL B 479 23.83 -6.80 36.95
C VAL B 479 23.85 -5.37 36.49
N ALA B 480 24.83 -4.59 36.97
CA ALA B 480 24.94 -3.19 36.65
C ALA B 480 26.19 -2.84 35.84
N PHE B 481 26.01 -2.00 34.82
CA PHE B 481 27.11 -1.27 34.22
C PHE B 481 27.11 0.13 34.79
N VAL B 482 28.28 0.53 35.29
CA VAL B 482 28.40 1.78 36.02
C VAL B 482 29.55 2.62 35.50
N VAL B 483 29.32 3.93 35.40
CA VAL B 483 30.36 4.90 35.08
C VAL B 483 30.66 5.72 36.33
N ARG B 484 31.89 5.58 36.83
CA ARG B 484 32.32 6.32 38.02
C ARG B 484 32.45 7.80 37.68
N SER B 485 32.17 8.65 38.67
CA SER B 485 32.36 10.09 38.56
C SER B 485 33.83 10.48 38.54
N ASN B 486 34.12 11.67 38.02
CA ASN B 486 35.49 12.14 37.85
C ASN B 486 36.23 12.22 39.19
N GLY B 487 37.26 11.40 39.34
CA GLY B 487 38.07 11.36 40.56
C GLY B 487 37.65 10.33 41.59
N SER B 488 36.65 9.51 41.26
CA SER B 488 36.08 8.54 42.20
C SER B 488 36.66 7.16 42.04
N THR B 489 36.85 6.46 43.16
CA THR B 489 37.42 5.11 43.16
C THR B 489 36.47 4.14 43.86
N ILE B 490 35.17 4.28 43.63
CA ILE B 490 34.17 3.44 44.28
C ILE B 490 34.27 2.00 43.80
N THR B 491 34.05 1.09 44.74
CA THR B 491 34.28 -0.34 44.55
C THR B 491 33.01 -1.05 44.05
N GLU B 492 33.17 -2.22 43.42
CA GLU B 492 32.03 -3.08 43.09
C GLU B 492 31.15 -3.38 44.32
N ASP B 493 31.80 -3.89 45.38
CA ASP B 493 31.14 -4.21 46.65
C ASP B 493 30.44 -3.00 47.29
N GLU B 494 31.05 -1.82 47.18
CA GLU B 494 30.45 -0.58 47.68
C GLU B 494 29.18 -0.20 46.92
N VAL B 495 29.15 -0.48 45.61
CA VAL B 495 27.95 -0.28 44.82
C VAL B 495 26.86 -1.31 45.17
N LYS B 496 27.27 -2.57 45.32
CA LYS B 496 26.34 -3.64 45.65
C LYS B 496 25.70 -3.42 47.02
N ASP B 497 26.48 -2.90 47.96
CA ASP B 497 26.00 -2.69 49.32
C ASP B 497 25.07 -1.48 49.40
N PHE B 498 25.44 -0.41 48.69
CA PHE B 498 24.59 0.77 48.57
C PHE B 498 23.21 0.36 48.07
N ILE B 499 23.18 -0.51 47.05
CA ILE B 499 21.93 -0.99 46.49
C ILE B 499 21.20 -1.94 47.44
N SER B 500 21.94 -2.86 48.07
CA SER B 500 21.32 -3.90 48.86
C SER B 500 20.52 -3.40 50.04
N LYS B 501 21.04 -2.38 50.72
CA LYS B 501 20.44 -1.83 51.93
C LYS B 501 19.08 -1.18 51.63
N GLN B 502 18.84 -0.88 50.34
CA GLN B 502 17.67 -0.11 49.93
C GLN B 502 16.56 -0.96 49.28
N VAL B 503 16.86 -2.21 48.93
CA VAL B 503 15.92 -2.99 48.11
C VAL B 503 15.53 -4.33 48.70
N ILE B 504 14.36 -4.80 48.30
CA ILE B 504 13.91 -6.16 48.62
C ILE B 504 14.91 -7.15 47.98
N PHE B 505 15.04 -8.35 48.56
CA PHE B 505 16.19 -9.21 48.27
C PHE B 505 16.39 -9.56 46.79
N TYR B 506 15.30 -9.75 46.04
CA TYR B 506 15.41 -10.25 44.66
C TYR B 506 15.79 -9.19 43.66
N LYS B 507 16.01 -7.97 44.16
CA LYS B 507 16.46 -6.86 43.35
C LYS B 507 17.95 -6.57 43.54
N ARG B 508 18.62 -7.26 44.47
CA ARG B 508 20.07 -7.07 44.68
C ARG B 508 20.89 -7.25 43.41
N ILE B 509 21.91 -6.42 43.24
CA ILE B 509 22.79 -6.48 42.06
C ILE B 509 23.84 -7.57 42.29
N LYS B 510 23.92 -8.55 41.40
CA LYS B 510 24.90 -9.65 41.55
C LYS B 510 26.32 -9.27 41.11
N ARG B 511 26.43 -8.47 40.05
CA ARG B 511 27.73 -8.02 39.54
C ARG B 511 27.69 -6.55 39.14
N VAL B 512 28.79 -5.87 39.35
CA VAL B 512 28.97 -4.50 38.83
C VAL B 512 30.17 -4.47 37.87
N PHE B 513 29.94 -4.03 36.64
CA PHE B 513 31.01 -3.87 35.66
C PHE B 513 31.21 -2.40 35.39
N PHE B 514 32.39 -1.88 35.72
CA PHE B 514 32.66 -0.48 35.46
C PHE B 514 33.07 -0.24 34.01
N VAL B 515 32.44 0.75 33.40
CA VAL B 515 32.75 1.13 32.02
C VAL B 515 32.98 2.63 31.98
N ASP B 516 33.50 3.17 30.89
CA ASP B 516 33.65 4.63 30.86
C ASP B 516 32.48 5.34 30.22
N ALA B 517 31.65 4.58 29.49
CA ALA B 517 30.40 5.13 28.94
C ALA B 517 29.30 4.08 28.87
N ILE B 518 28.05 4.53 29.01
CA ILE B 518 26.89 3.71 28.73
C ILE B 518 26.45 4.06 27.31
N PRO B 519 26.27 3.06 26.42
CA PRO B 519 25.89 3.39 25.06
C PRO B 519 24.40 3.77 24.95
N LYS B 520 24.12 4.81 24.17
CA LYS B 520 22.77 5.37 24.10
C LYS B 520 22.46 5.76 22.67
N SER B 521 21.21 5.58 22.25
CA SER B 521 20.75 6.04 20.93
C SER B 521 20.68 7.58 20.88
N PRO B 522 20.68 8.17 19.67
CA PRO B 522 20.59 9.63 19.61
C PRO B 522 19.21 10.16 20.07
N SER B 523 18.22 9.27 20.15
CA SER B 523 16.92 9.62 20.74
C SER B 523 16.85 9.47 22.26
N GLY B 524 17.95 9.01 22.88
CA GLY B 524 18.12 9.03 24.34
C GLY B 524 17.82 7.75 25.11
N LYS B 525 17.75 6.63 24.41
CA LYS B 525 17.44 5.35 25.03
C LYS B 525 18.71 4.59 25.36
N ILE B 526 18.71 3.89 26.50
CA ILE B 526 19.84 3.04 26.87
C ILE B 526 19.84 1.87 25.93
N LEU B 527 21.00 1.59 25.34
CA LEU B 527 21.14 0.47 24.41
C LEU B 527 21.41 -0.80 25.22
N ARG B 528 20.36 -1.25 25.92
CA ARG B 528 20.50 -2.40 26.81
C ARG B 528 20.88 -3.65 26.04
N LYS B 529 20.38 -3.78 24.82
CA LYS B 529 20.66 -4.97 24.01
C LYS B 529 22.14 -5.14 23.74
N ASP B 530 22.81 -4.01 23.48
CA ASP B 530 24.25 -3.99 23.27
C ASP B 530 25.00 -4.50 24.49
N LEU B 531 24.50 -4.13 25.67
CA LEU B 531 25.15 -4.50 26.92
C LEU B 531 24.91 -5.98 27.21
N ARG B 532 23.71 -6.46 26.90
CA ARG B 532 23.37 -7.89 26.98
C ARG B 532 24.30 -8.74 26.12
N ALA B 533 24.60 -8.25 24.91
CA ALA B 533 25.55 -8.91 24.01
C ALA B 533 26.97 -8.49 24.38
#